data_6XUG
#
_entry.id   6XUG
#
_cell.length_a   93.750
_cell.length_b   230.010
_cell.length_c   54.270
_cell.angle_alpha   90.000
_cell.angle_beta   90.000
_cell.angle_gamma   90.000
#
_symmetry.space_group_name_H-M   'P 21 21 2'
#
loop_
_entity.id
_entity.type
_entity.pdbx_description
1 polymer "5'-nucleotidase"
2 non-polymer 'ZINC ION'
3 non-polymer 'CALCIUM ION'
4 non-polymer 'PHOSPHATE ION'
5 non-polymer 4-chloranyl-1-(1~{H}-indazol-6-yl)-6-[2-(3-methylphenyl)pyrazol-3-yl]benzotriazole
6 water water
#
_entity_poly.entity_id   1
_entity_poly.type   'polypeptide(L)'
_entity_poly.pdbx_seq_one_letter_code
;WELTILHTNDVHSRLEQTSEDSSKCVDASRCMGGVARLFTKVQQIRRAEPNVLLLDAGDQYQGTIWFTVYKGAEVAHFMN
ALRYDAMALGNHEFDNGVEGLIEPLLKEAKFPILSANIKAKGPLASQISGLYLPYKVLPVGDEVVGIVGYTSKETPFLSN
PGTNLVFEDEITALQPEVDKLKTLNVNKIIALGHSGFEMDKLIAQKVRGVDVVVGGHSNTFLYTGNPPSKEVPAGKYPFI
VTSDDGRKVPVVQAYAFGKYLGYLKIEFDERGNVISSHGNPILLDSSIPEDPSIKADINKWRIKLDDYSTQELGKTIVYL
DGSSQSCRFRECNMGNLICDAMINNNLRHTDEMFWNHVSMCILNGGGIRSPIDERNDGTITWENLAAVLPFGGTFDLVQL
KGSTLKKAFEHSVHRYGQSTGEFLQVGGIHVVYDLSRKPGDRVVKLDVLCTKCRVPSYDPLKMDEVYKVILPNFLANGGD
GFQMIKDELLRHDSGDQDINVVSTYISKMKVIYPAVEGRIKFSGGGGAGGGGHHHHHH
;
_entity_poly.pdbx_strand_id   A,B
#
# COMPACT_ATOMS: atom_id res chain seq x y z
N TRP A 1 1.57 -47.22 -40.06
CA TRP A 1 0.41 -46.35 -40.19
C TRP A 1 0.68 -45.04 -39.42
N GLU A 2 0.47 -43.89 -40.08
CA GLU A 2 0.73 -42.57 -39.54
C GLU A 2 -0.49 -41.78 -39.12
N LEU A 3 -0.45 -41.21 -37.92
CA LEU A 3 -1.56 -40.43 -37.37
C LEU A 3 -1.10 -39.05 -36.94
N THR A 4 -1.81 -38.02 -37.37
CA THR A 4 -1.51 -36.68 -36.87
C THR A 4 -2.56 -36.30 -35.85
N ILE A 5 -2.12 -35.94 -34.64
CA ILE A 5 -3.03 -35.45 -33.64
C ILE A 5 -2.86 -33.95 -33.52
N LEU A 6 -3.94 -33.22 -33.76
CA LEU A 6 -4.03 -31.78 -33.55
C LEU A 6 -4.80 -31.62 -32.26
N HIS A 7 -4.30 -30.79 -31.35
CA HIS A 7 -4.98 -30.70 -30.08
C HIS A 7 -4.96 -29.32 -29.45
N THR A 8 -6.11 -28.93 -28.90
CA THR A 8 -6.26 -27.70 -28.11
C THR A 8 -6.71 -28.08 -26.68
N ASN A 9 -6.45 -27.19 -25.71
CA ASN A 9 -6.90 -27.35 -24.31
C ASN A 9 -6.98 -25.97 -23.67
N ASP A 10 -7.86 -25.81 -22.67
CA ASP A 10 -8.02 -24.57 -21.92
C ASP A 10 -8.20 -23.36 -22.82
N VAL A 11 -9.01 -23.50 -23.92
CA VAL A 11 -9.24 -22.37 -24.85
C VAL A 11 -9.87 -21.18 -24.07
N HIS A 12 -10.74 -21.50 -23.09
CA HIS A 12 -11.36 -20.54 -22.20
C HIS A 12 -11.98 -19.34 -22.90
N SER A 13 -12.93 -19.62 -23.81
CA SER A 13 -13.72 -18.60 -24.52
C SER A 13 -12.92 -17.63 -25.36
N ARG A 14 -11.68 -17.96 -25.72
CA ARG A 14 -10.90 -17.11 -26.62
C ARG A 14 -11.32 -17.40 -28.09
N LEU A 15 -12.60 -17.15 -28.41
CA LEU A 15 -13.17 -17.36 -29.74
C LEU A 15 -12.55 -16.38 -30.74
N GLU A 16 -12.29 -15.17 -30.29
CA GLU A 16 -11.64 -14.15 -31.11
C GLU A 16 -10.14 -14.19 -30.86
N GLN A 17 -9.35 -13.69 -31.82
CA GLN A 17 -7.91 -13.55 -31.66
C GLN A 17 -7.70 -12.60 -30.47
N THR A 18 -6.55 -12.73 -29.80
CA THR A 18 -6.27 -11.96 -28.58
C THR A 18 -4.87 -11.37 -28.64
N SER A 19 -4.48 -10.58 -27.62
CA SER A 19 -3.10 -10.07 -27.56
CA SER A 19 -3.11 -10.05 -27.48
C SER A 19 -2.25 -11.29 -27.13
N GLU A 20 -0.91 -11.21 -27.21
CA GLU A 20 -0.09 -12.39 -26.87
C GLU A 20 -0.28 -12.94 -25.43
N ASP A 21 -0.73 -12.09 -24.47
CA ASP A 21 -0.99 -12.42 -23.06
C ASP A 21 -2.43 -12.93 -22.91
N SER A 22 -3.08 -13.09 -24.08
CA SER A 22 -4.41 -13.62 -24.30
C SER A 22 -5.56 -12.75 -23.73
N SER A 23 -5.30 -11.45 -23.57
CA SER A 23 -6.31 -10.46 -23.18
C SER A 23 -6.87 -9.87 -24.51
N LYS A 24 -7.88 -8.97 -24.46
CA LYS A 24 -8.54 -8.37 -25.62
C LYS A 24 -7.57 -8.00 -26.73
N CYS A 25 -7.89 -8.35 -27.96
CA CYS A 25 -7.05 -7.96 -29.09
C CYS A 25 -7.30 -6.51 -29.38
N VAL A 26 -6.25 -5.67 -29.30
CA VAL A 26 -6.36 -4.24 -29.60
C VAL A 26 -5.55 -3.89 -30.86
N ASP A 27 -4.25 -4.27 -30.86
CA ASP A 27 -3.32 -4.08 -31.97
C ASP A 27 -3.36 -5.36 -32.80
N ALA A 28 -4.32 -5.43 -33.75
CA ALA A 28 -4.62 -6.58 -34.61
C ALA A 28 -3.42 -7.20 -35.32
N SER A 29 -2.47 -6.38 -35.76
CA SER A 29 -1.26 -6.83 -36.47
C SER A 29 -0.39 -7.81 -35.67
N ARG A 30 -0.53 -7.79 -34.34
CA ARG A 30 0.25 -8.61 -33.41
C ARG A 30 -0.62 -9.60 -32.67
N CYS A 31 -1.92 -9.66 -33.03
CA CYS A 31 -2.85 -10.58 -32.37
C CYS A 31 -2.66 -12.02 -32.84
N MET A 32 -3.07 -12.94 -31.96
CA MET A 32 -2.86 -14.37 -32.12
C MET A 32 -4.10 -15.16 -31.75
N GLY A 33 -4.15 -16.45 -32.15
CA GLY A 33 -5.25 -17.33 -31.77
C GLY A 33 -6.56 -16.98 -32.43
N GLY A 34 -7.62 -17.39 -31.75
CA GLY A 34 -8.98 -17.22 -32.23
C GLY A 34 -9.33 -18.44 -33.07
N VAL A 35 -10.64 -18.70 -33.24
CA VAL A 35 -11.09 -19.89 -33.98
CA VAL A 35 -11.10 -19.88 -33.95
C VAL A 35 -10.92 -19.72 -35.49
N ALA A 36 -10.99 -18.44 -36.02
CA ALA A 36 -10.85 -18.18 -37.44
C ALA A 36 -9.45 -18.56 -37.96
N ARG A 37 -8.41 -18.25 -37.17
CA ARG A 37 -7.02 -18.57 -37.46
C ARG A 37 -6.79 -20.07 -37.26
N LEU A 38 -7.33 -20.65 -36.15
CA LEU A 38 -7.22 -22.10 -35.88
C LEU A 38 -7.76 -22.91 -37.09
N PHE A 39 -8.92 -22.51 -37.62
CA PHE A 39 -9.52 -23.19 -38.76
C PHE A 39 -8.53 -23.18 -39.95
N THR A 40 -7.89 -22.02 -40.23
CA THR A 40 -6.94 -21.98 -41.37
C THR A 40 -5.83 -23.01 -41.20
N LYS A 41 -5.22 -23.07 -40.00
CA LYS A 41 -4.13 -23.99 -39.72
C LYS A 41 -4.56 -25.46 -39.78
N VAL A 42 -5.75 -25.78 -39.23
CA VAL A 42 -6.28 -27.14 -39.24
C VAL A 42 -6.49 -27.57 -40.69
N GLN A 43 -7.09 -26.69 -41.51
CA GLN A 43 -7.34 -26.96 -42.91
C GLN A 43 -6.03 -27.27 -43.66
N GLN A 44 -4.96 -26.51 -43.40
CA GLN A 44 -3.66 -26.69 -44.03
C GLN A 44 -3.10 -28.06 -43.73
N ILE A 45 -3.33 -28.59 -42.50
CA ILE A 45 -2.85 -29.90 -42.07
C ILE A 45 -3.73 -31.03 -42.64
N ARG A 46 -5.06 -30.87 -42.60
CA ARG A 46 -5.98 -31.88 -43.15
C ARG A 46 -5.80 -32.04 -44.63
N ARG A 47 -5.35 -31.01 -45.32
CA ARG A 47 -5.17 -31.19 -46.76
C ARG A 47 -3.82 -31.84 -47.10
N ALA A 48 -2.86 -31.84 -46.18
CA ALA A 48 -1.53 -32.43 -46.34
C ALA A 48 -1.41 -33.87 -45.80
N GLU A 49 -2.08 -34.17 -44.67
CA GLU A 49 -1.99 -35.47 -44.01
C GLU A 49 -3.31 -36.21 -44.10
N PRO A 50 -3.30 -37.51 -44.44
CA PRO A 50 -4.57 -38.26 -44.57
C PRO A 50 -5.26 -38.63 -43.26
N ASN A 51 -4.49 -39.02 -42.23
CA ASN A 51 -5.06 -39.47 -40.97
C ASN A 51 -4.86 -38.40 -39.88
N VAL A 52 -5.90 -37.58 -39.66
CA VAL A 52 -5.84 -36.44 -38.76
C VAL A 52 -7.01 -36.45 -37.79
N LEU A 53 -6.71 -36.26 -36.49
CA LEU A 53 -7.71 -36.10 -35.43
C LEU A 53 -7.53 -34.72 -34.80
N LEU A 54 -8.65 -34.07 -34.52
CA LEU A 54 -8.64 -32.77 -33.88
C LEU A 54 -9.30 -33.00 -32.56
N LEU A 55 -8.53 -32.84 -31.49
CA LEU A 55 -8.99 -33.13 -30.15
C LEU A 55 -8.93 -31.95 -29.23
N ASP A 56 -9.86 -31.87 -28.27
CA ASP A 56 -9.86 -30.82 -27.25
C ASP A 56 -9.83 -31.49 -25.88
N ALA A 57 -8.88 -31.08 -25.01
CA ALA A 57 -8.72 -31.63 -23.66
C ALA A 57 -9.42 -30.83 -22.55
N GLY A 58 -10.51 -30.16 -22.92
CA GLY A 58 -11.40 -29.49 -21.99
C GLY A 58 -11.11 -28.04 -21.66
N ASP A 59 -12.05 -27.45 -20.92
CA ASP A 59 -11.96 -26.05 -20.47
C ASP A 59 -12.12 -25.05 -21.66
N GLN A 60 -13.08 -25.39 -22.55
CA GLN A 60 -13.54 -24.49 -23.60
C GLN A 60 -14.42 -23.43 -22.87
N TYR A 61 -15.19 -23.87 -21.85
CA TYR A 61 -16.06 -23.03 -21.05
C TYR A 61 -15.30 -22.02 -20.20
N GLN A 62 -15.89 -20.80 -20.10
CA GLN A 62 -15.50 -19.69 -19.25
C GLN A 62 -14.23 -18.96 -19.62
N GLY A 63 -14.29 -17.64 -19.66
CA GLY A 63 -13.09 -16.83 -19.91
C GLY A 63 -13.33 -15.43 -20.44
N THR A 64 -14.34 -15.27 -21.28
CA THR A 64 -14.69 -13.99 -21.90
C THR A 64 -16.18 -13.83 -21.94
N ILE A 65 -16.66 -12.62 -22.34
CA ILE A 65 -18.07 -12.27 -22.43
C ILE A 65 -18.81 -13.17 -23.44
N TRP A 66 -18.05 -13.86 -24.33
CA TRP A 66 -18.60 -14.81 -25.28
C TRP A 66 -19.39 -15.87 -24.52
N PHE A 67 -18.78 -16.39 -23.42
CA PHE A 67 -19.38 -17.39 -22.57
C PHE A 67 -20.44 -16.82 -21.66
N THR A 68 -20.24 -15.58 -21.15
CA THR A 68 -21.19 -14.91 -20.25
C THR A 68 -22.55 -14.79 -20.95
N VAL A 69 -22.49 -14.38 -22.24
CA VAL A 69 -23.65 -14.15 -23.09
C VAL A 69 -24.16 -15.45 -23.76
N TYR A 70 -23.30 -16.23 -24.40
CA TYR A 70 -23.76 -17.42 -25.13
C TYR A 70 -23.79 -18.73 -24.33
N LYS A 71 -23.14 -18.77 -23.16
CA LYS A 71 -23.24 -19.87 -22.19
C LYS A 71 -22.99 -21.29 -22.76
N GLY A 72 -22.09 -21.40 -23.72
CA GLY A 72 -21.74 -22.68 -24.29
C GLY A 72 -22.24 -22.90 -25.70
N ALA A 73 -23.26 -22.11 -26.16
CA ALA A 73 -23.81 -22.22 -27.52
C ALA A 73 -22.75 -21.82 -28.57
N GLU A 74 -21.86 -20.90 -28.22
CA GLU A 74 -20.74 -20.46 -29.07
C GLU A 74 -19.69 -21.58 -29.15
N VAL A 75 -19.49 -22.35 -28.05
CA VAL A 75 -18.55 -23.49 -27.99
C VAL A 75 -19.02 -24.59 -28.94
N ALA A 76 -20.26 -25.06 -28.78
CA ALA A 76 -20.85 -26.06 -29.67
C ALA A 76 -20.73 -25.59 -31.14
N HIS A 77 -21.18 -24.35 -31.44
CA HIS A 77 -21.18 -23.80 -32.78
C HIS A 77 -19.80 -23.73 -33.46
N PHE A 78 -18.79 -23.15 -32.78
CA PHE A 78 -17.47 -22.99 -33.38
C PHE A 78 -16.64 -24.28 -33.35
N MET A 79 -16.81 -25.15 -32.34
CA MET A 79 -16.13 -26.49 -32.35
C MET A 79 -16.69 -27.33 -33.45
N ASN A 80 -18.02 -27.21 -33.73
CA ASN A 80 -18.69 -27.92 -34.81
C ASN A 80 -18.18 -27.43 -36.17
N ALA A 81 -18.02 -26.10 -36.31
CA ALA A 81 -17.52 -25.42 -37.51
C ALA A 81 -16.07 -25.86 -37.81
N LEU A 82 -15.29 -26.11 -36.75
CA LEU A 82 -13.89 -26.54 -36.90
CA LEU A 82 -13.89 -26.54 -36.86
C LEU A 82 -13.81 -28.06 -37.04
N ARG A 83 -14.96 -28.75 -36.87
CA ARG A 83 -15.10 -30.20 -37.01
C ARG A 83 -14.19 -30.98 -36.07
N TYR A 84 -14.21 -30.67 -34.76
CA TYR A 84 -13.46 -31.45 -33.76
C TYR A 84 -13.90 -32.90 -33.82
N ASP A 85 -13.00 -33.81 -33.55
CA ASP A 85 -13.31 -35.23 -33.59
C ASP A 85 -13.74 -35.70 -32.20
N ALA A 86 -13.20 -35.09 -31.14
CA ALA A 86 -13.57 -35.47 -29.77
C ALA A 86 -13.15 -34.40 -28.79
N MET A 87 -13.85 -34.31 -27.64
CA MET A 87 -13.52 -33.38 -26.56
C MET A 87 -13.66 -34.12 -25.22
N ALA A 88 -12.73 -33.90 -24.29
CA ALA A 88 -12.78 -34.42 -22.92
C ALA A 88 -13.41 -33.34 -22.07
N LEU A 89 -14.19 -33.73 -21.04
CA LEU A 89 -14.80 -32.72 -20.18
C LEU A 89 -13.75 -32.16 -19.22
N GLY A 90 -13.66 -30.83 -19.13
CA GLY A 90 -12.80 -30.13 -18.17
C GLY A 90 -13.63 -29.66 -16.99
N ASN A 91 -13.00 -29.13 -15.90
CA ASN A 91 -13.76 -28.65 -14.72
C ASN A 91 -14.69 -27.50 -15.05
N HIS A 92 -14.26 -26.63 -15.98
CA HIS A 92 -15.03 -25.44 -16.33
C HIS A 92 -16.33 -25.75 -17.10
N GLU A 93 -16.46 -26.96 -17.72
CA GLU A 93 -17.70 -27.41 -18.37
C GLU A 93 -18.87 -27.56 -17.38
N PHE A 94 -18.58 -27.55 -16.06
CA PHE A 94 -19.52 -27.66 -14.96
C PHE A 94 -19.84 -26.33 -14.26
N ASP A 95 -19.22 -25.21 -14.71
CA ASP A 95 -19.41 -23.86 -14.10
C ASP A 95 -20.90 -23.42 -14.04
N ASN A 96 -21.73 -23.82 -15.05
CA ASN A 96 -23.16 -23.48 -15.08
C ASN A 96 -24.01 -24.66 -14.66
N GLY A 97 -23.40 -25.54 -13.87
CA GLY A 97 -24.05 -26.74 -13.36
C GLY A 97 -24.23 -27.74 -14.48
N VAL A 98 -24.71 -28.97 -14.17
CA VAL A 98 -24.99 -30.01 -15.18
C VAL A 98 -26.00 -29.51 -16.23
N GLU A 99 -27.04 -28.78 -15.81
CA GLU A 99 -28.02 -28.23 -16.77
C GLU A 99 -27.39 -27.26 -17.79
N GLY A 100 -26.28 -26.65 -17.42
CA GLY A 100 -25.54 -25.71 -18.25
C GLY A 100 -24.51 -26.39 -19.12
N LEU A 101 -24.31 -27.69 -18.89
CA LEU A 101 -23.40 -28.54 -19.69
C LEU A 101 -24.24 -29.29 -20.70
N ILE A 102 -25.34 -29.90 -20.21
CA ILE A 102 -26.25 -30.72 -21.00
C ILE A 102 -26.89 -29.96 -22.13
N GLU A 103 -27.63 -28.85 -21.82
CA GLU A 103 -28.44 -28.12 -22.79
C GLU A 103 -27.65 -27.44 -23.91
N PRO A 104 -26.68 -26.52 -23.67
CA PRO A 104 -25.99 -25.91 -24.81
C PRO A 104 -24.88 -26.74 -25.43
N LEU A 105 -24.18 -27.61 -24.67
CA LEU A 105 -23.03 -28.31 -25.26
C LEU A 105 -23.28 -29.78 -25.57
N LEU A 106 -23.59 -30.63 -24.55
CA LEU A 106 -23.80 -32.07 -24.80
C LEU A 106 -24.86 -32.35 -25.86
N LYS A 107 -25.93 -31.53 -25.90
CA LYS A 107 -27.02 -31.70 -26.86
C LYS A 107 -26.72 -31.15 -28.27
N GLU A 108 -25.79 -30.20 -28.38
CA GLU A 108 -25.49 -29.54 -29.64
C GLU A 108 -24.15 -29.93 -30.29
N ALA A 109 -23.21 -30.53 -29.52
CA ALA A 109 -21.94 -30.97 -30.08
C ALA A 109 -22.15 -32.06 -31.14
N LYS A 110 -21.50 -31.93 -32.32
CA LYS A 110 -21.61 -32.92 -33.40
C LYS A 110 -20.46 -33.93 -33.32
N PHE A 111 -19.81 -34.00 -32.14
CA PHE A 111 -18.65 -34.85 -31.88
C PHE A 111 -18.82 -35.45 -30.47
N PRO A 112 -18.20 -36.61 -30.18
CA PRO A 112 -18.36 -37.21 -28.83
C PRO A 112 -17.70 -36.40 -27.72
N ILE A 113 -18.36 -36.37 -26.54
CA ILE A 113 -17.84 -35.67 -25.38
C ILE A 113 -17.54 -36.72 -24.35
N LEU A 114 -16.30 -36.73 -23.84
CA LEU A 114 -15.80 -37.86 -23.06
C LEU A 114 -15.36 -37.61 -21.65
N SER A 115 -15.52 -38.66 -20.81
CA SER A 115 -15.06 -38.74 -19.43
C SER A 115 -15.40 -40.11 -18.83
N ALA A 116 -14.36 -40.97 -18.72
CA ALA A 116 -14.50 -42.31 -18.15
C ALA A 116 -14.61 -42.33 -16.63
N ASN A 117 -14.15 -41.29 -15.93
CA ASN A 117 -14.17 -41.28 -14.46
C ASN A 117 -15.32 -40.47 -13.82
N ILE A 118 -16.31 -40.02 -14.62
CA ILE A 118 -17.46 -39.30 -14.07
C ILE A 118 -18.66 -40.26 -14.08
N LYS A 119 -19.25 -40.50 -12.90
CA LYS A 119 -20.38 -41.42 -12.80
C LYS A 119 -21.60 -40.72 -12.28
N ALA A 120 -22.75 -40.92 -12.94
CA ALA A 120 -23.98 -40.25 -12.50
C ALA A 120 -24.86 -41.13 -11.60
N LYS A 121 -25.29 -40.57 -10.47
CA LYS A 121 -26.19 -41.24 -9.54
C LYS A 121 -27.53 -40.50 -9.46
N GLY A 122 -28.42 -40.95 -8.58
CA GLY A 122 -29.73 -40.34 -8.37
C GLY A 122 -30.56 -40.21 -9.64
N PRO A 123 -31.50 -39.24 -9.66
CA PRO A 123 -32.34 -39.04 -10.87
C PRO A 123 -31.63 -38.57 -12.13
N LEU A 124 -30.45 -37.93 -11.99
CA LEU A 124 -29.65 -37.38 -13.11
C LEU A 124 -29.13 -38.44 -14.08
N ALA A 125 -28.80 -39.65 -13.57
CA ALA A 125 -28.26 -40.77 -14.37
C ALA A 125 -29.04 -41.05 -15.65
N SER A 126 -30.40 -41.01 -15.58
CA SER A 126 -31.28 -41.24 -16.73
C SER A 126 -31.28 -40.04 -17.70
N GLN A 127 -31.19 -38.81 -17.17
CA GLN A 127 -31.17 -37.56 -17.94
C GLN A 127 -29.89 -37.45 -18.80
N ILE A 128 -28.72 -37.64 -18.18
CA ILE A 128 -27.41 -37.50 -18.83
C ILE A 128 -26.96 -38.81 -19.54
N SER A 129 -27.73 -39.90 -19.40
CA SER A 129 -27.45 -41.20 -20.03
C SER A 129 -27.11 -41.04 -21.52
N GLY A 130 -25.88 -41.39 -21.87
CA GLY A 130 -25.35 -41.34 -23.24
C GLY A 130 -24.99 -39.98 -23.80
N LEU A 131 -25.10 -38.90 -23.01
CA LEU A 131 -24.79 -37.55 -23.48
C LEU A 131 -23.30 -37.26 -23.50
N TYR A 132 -22.54 -37.94 -22.61
CA TYR A 132 -21.08 -37.95 -22.57
C TYR A 132 -20.74 -39.44 -22.46
N LEU A 133 -19.55 -39.85 -22.88
CA LEU A 133 -19.22 -41.28 -22.91
C LEU A 133 -17.85 -41.58 -22.25
N PRO A 134 -17.54 -42.83 -21.85
CA PRO A 134 -16.19 -43.10 -21.28
C PRO A 134 -15.13 -43.06 -22.40
N TYR A 135 -15.53 -43.47 -23.61
CA TYR A 135 -14.65 -43.56 -24.75
C TYR A 135 -15.42 -43.44 -26.04
N LYS A 136 -14.70 -43.19 -27.15
CA LYS A 136 -15.29 -43.29 -28.49
C LYS A 136 -14.28 -43.96 -29.40
N VAL A 137 -14.74 -44.84 -30.25
CA VAL A 137 -13.90 -45.53 -31.22
C VAL A 137 -14.12 -44.79 -32.53
N LEU A 138 -13.10 -44.11 -32.99
CA LEU A 138 -13.23 -43.33 -34.19
C LEU A 138 -12.54 -43.94 -35.42
N PRO A 139 -13.24 -44.02 -36.58
CA PRO A 139 -12.54 -44.49 -37.77
C PRO A 139 -11.64 -43.36 -38.30
N VAL A 140 -10.41 -43.71 -38.68
CA VAL A 140 -9.41 -42.82 -39.23
C VAL A 140 -8.86 -43.61 -40.40
N GLY A 141 -9.34 -43.27 -41.59
CA GLY A 141 -9.02 -44.01 -42.81
C GLY A 141 -9.59 -45.41 -42.74
N ASP A 142 -8.73 -46.42 -42.92
CA ASP A 142 -9.07 -47.84 -42.82
C ASP A 142 -8.79 -48.40 -41.41
N GLU A 143 -8.42 -47.50 -40.49
CA GLU A 143 -8.08 -47.87 -39.14
C GLU A 143 -9.12 -47.29 -38.20
N VAL A 144 -9.00 -47.66 -36.95
CA VAL A 144 -9.89 -47.26 -35.89
C VAL A 144 -8.99 -46.79 -34.73
N VAL A 145 -9.33 -45.66 -34.13
CA VAL A 145 -8.60 -45.10 -33.00
C VAL A 145 -9.56 -44.93 -31.80
N GLY A 146 -9.18 -45.50 -30.67
CA GLY A 146 -9.94 -45.41 -29.42
C GLY A 146 -9.51 -44.19 -28.63
N ILE A 147 -10.48 -43.39 -28.21
CA ILE A 147 -10.19 -42.21 -27.39
C ILE A 147 -10.96 -42.37 -26.08
N VAL A 148 -10.22 -42.35 -24.94
CA VAL A 148 -10.74 -42.49 -23.58
CA VAL A 148 -10.74 -42.50 -23.59
C VAL A 148 -10.56 -41.17 -22.85
N GLY A 149 -11.62 -40.65 -22.26
CA GLY A 149 -11.56 -39.37 -21.56
C GLY A 149 -11.43 -39.39 -20.04
N TYR A 150 -10.99 -38.26 -19.48
CA TYR A 150 -10.88 -38.11 -18.02
C TYR A 150 -10.98 -36.66 -17.62
N THR A 151 -11.53 -36.41 -16.40
CA THR A 151 -11.75 -35.09 -15.85
C THR A 151 -11.21 -35.07 -14.42
N SER A 152 -10.54 -33.97 -14.05
CA SER A 152 -9.95 -33.79 -12.71
C SER A 152 -10.90 -34.20 -11.59
N LYS A 153 -10.37 -34.98 -10.66
CA LYS A 153 -11.04 -35.52 -9.48
C LYS A 153 -11.41 -34.36 -8.55
N GLU A 154 -10.76 -33.23 -8.75
CA GLU A 154 -10.92 -32.00 -7.97
C GLU A 154 -12.10 -31.13 -8.38
N THR A 155 -12.73 -31.41 -9.55
CA THR A 155 -13.87 -30.66 -10.13
C THR A 155 -14.89 -30.26 -9.06
N PRO A 156 -15.35 -31.13 -8.09
CA PRO A 156 -16.31 -30.65 -7.07
C PRO A 156 -15.87 -29.45 -6.22
N PHE A 157 -14.53 -29.22 -6.08
CA PHE A 157 -13.92 -28.13 -5.29
CA PHE A 157 -14.03 -28.10 -5.28
C PHE A 157 -13.56 -26.94 -6.18
N LEU A 158 -13.75 -27.10 -7.48
CA LEU A 158 -13.39 -26.08 -8.49
C LEU A 158 -14.59 -25.51 -9.25
N SER A 159 -15.69 -26.23 -9.28
CA SER A 159 -16.82 -25.87 -10.12
C SER A 159 -18.17 -26.28 -9.52
N ASN A 160 -19.23 -26.43 -10.35
CA ASN A 160 -20.55 -26.79 -9.84
C ASN A 160 -21.12 -28.11 -10.52
N PRO A 161 -20.44 -29.29 -10.41
CA PRO A 161 -21.00 -30.51 -11.04
C PRO A 161 -22.28 -31.07 -10.39
N GLY A 162 -22.60 -30.61 -9.18
CA GLY A 162 -23.74 -31.05 -8.40
C GLY A 162 -23.38 -32.24 -7.54
N THR A 163 -24.37 -32.78 -6.81
CA THR A 163 -24.20 -33.92 -5.90
C THR A 163 -24.44 -35.31 -6.55
N ASN A 164 -25.09 -35.32 -7.74
CA ASN A 164 -25.42 -36.53 -8.47
C ASN A 164 -24.34 -36.99 -9.47
N LEU A 165 -23.12 -36.41 -9.38
CA LEU A 165 -21.96 -36.83 -10.13
C LEU A 165 -20.84 -37.21 -9.18
N VAL A 166 -20.24 -38.39 -9.40
CA VAL A 166 -19.11 -38.88 -8.61
C VAL A 166 -17.86 -38.87 -9.48
N PHE A 167 -16.79 -38.24 -8.98
CA PHE A 167 -15.50 -38.15 -9.68
C PHE A 167 -14.57 -39.21 -9.14
N GLU A 168 -14.36 -40.28 -9.92
CA GLU A 168 -13.50 -41.38 -9.50
C GLU A 168 -12.05 -41.05 -9.83
N ASP A 169 -11.11 -41.84 -9.28
CA ASP A 169 -9.68 -41.75 -9.56
C ASP A 169 -9.54 -42.07 -11.04
N GLU A 170 -8.81 -41.22 -11.76
CA GLU A 170 -8.58 -41.33 -13.20
C GLU A 170 -8.02 -42.70 -13.61
N ILE A 171 -6.91 -43.12 -12.99
CA ILE A 171 -6.24 -44.39 -13.31
C ILE A 171 -7.17 -45.58 -13.09
N THR A 172 -7.86 -45.62 -11.94
CA THR A 172 -8.81 -46.67 -11.58
C THR A 172 -9.92 -46.76 -12.60
N ALA A 173 -10.45 -45.59 -13.05
CA ALA A 173 -11.54 -45.53 -13.98
C ALA A 173 -11.14 -45.85 -15.39
N LEU A 174 -9.92 -45.44 -15.80
CA LEU A 174 -9.44 -45.64 -17.16
C LEU A 174 -9.07 -47.07 -17.49
N GLN A 175 -8.40 -47.78 -16.55
CA GLN A 175 -7.97 -49.15 -16.82
C GLN A 175 -9.09 -50.06 -17.37
N PRO A 176 -10.29 -50.19 -16.74
CA PRO A 176 -11.31 -51.09 -17.32
C PRO A 176 -11.73 -50.69 -18.74
N GLU A 177 -11.78 -49.37 -19.05
CA GLU A 177 -12.16 -48.86 -20.37
C GLU A 177 -11.14 -49.22 -21.46
N VAL A 178 -9.84 -49.07 -21.15
CA VAL A 178 -8.78 -49.40 -22.08
C VAL A 178 -8.79 -50.90 -22.33
N ASP A 179 -8.96 -51.71 -21.28
CA ASP A 179 -9.05 -53.17 -21.39
C ASP A 179 -10.21 -53.62 -22.29
N LYS A 180 -11.37 -52.93 -22.20
CA LYS A 180 -12.57 -53.21 -23.01
C LYS A 180 -12.26 -52.90 -24.49
N LEU A 181 -11.56 -51.80 -24.73
CA LEU A 181 -11.15 -51.40 -26.08
C LEU A 181 -10.23 -52.43 -26.71
N LYS A 182 -9.31 -53.03 -25.92
CA LYS A 182 -8.37 -54.06 -26.39
C LYS A 182 -9.12 -55.32 -26.82
N THR A 183 -10.17 -55.70 -26.07
CA THR A 183 -11.01 -56.87 -26.37
C THR A 183 -11.86 -56.61 -27.62
N LEU A 184 -12.15 -55.32 -27.89
CA LEU A 184 -12.89 -54.88 -29.08
C LEU A 184 -11.92 -54.71 -30.27
N ASN A 185 -10.68 -55.23 -30.11
CA ASN A 185 -9.57 -55.18 -31.08
C ASN A 185 -9.29 -53.78 -31.62
N VAL A 186 -9.26 -52.81 -30.71
CA VAL A 186 -8.91 -51.41 -30.97
C VAL A 186 -7.48 -51.36 -30.40
N ASN A 187 -6.47 -51.34 -31.30
CA ASN A 187 -5.08 -51.44 -30.89
C ASN A 187 -4.36 -50.09 -30.70
N LYS A 188 -5.01 -48.97 -31.08
CA LYS A 188 -4.46 -47.64 -30.93
C LYS A 188 -5.33 -46.83 -29.96
N ILE A 189 -4.75 -46.36 -28.83
CA ILE A 189 -5.50 -45.71 -27.75
C ILE A 189 -4.88 -44.40 -27.26
N ILE A 190 -5.72 -43.37 -27.25
CA ILE A 190 -5.37 -42.02 -26.81
C ILE A 190 -6.19 -41.73 -25.56
N ALA A 191 -5.51 -41.32 -24.49
CA ALA A 191 -6.17 -40.88 -23.26
C ALA A 191 -6.23 -39.37 -23.40
N LEU A 192 -7.43 -38.82 -23.55
CA LEU A 192 -7.67 -37.39 -23.73
C LEU A 192 -8.38 -36.88 -22.46
N GLY A 193 -7.74 -36.00 -21.72
CA GLY A 193 -8.39 -35.54 -20.50
C GLY A 193 -7.90 -34.28 -19.84
N HIS A 194 -8.61 -33.90 -18.79
CA HIS A 194 -8.34 -32.65 -18.11
C HIS A 194 -7.99 -32.81 -16.65
N SER A 195 -6.77 -33.24 -16.32
CA SER A 195 -6.40 -33.37 -14.89
C SER A 195 -5.08 -32.70 -14.53
N GLY A 196 -4.37 -32.20 -15.52
CA GLY A 196 -3.08 -31.56 -15.27
C GLY A 196 -1.93 -32.48 -15.62
N PHE A 197 -0.79 -31.85 -15.97
CA PHE A 197 0.44 -32.50 -16.44
C PHE A 197 0.93 -33.65 -15.56
N GLU A 198 0.84 -33.50 -14.22
CA GLU A 198 1.32 -34.51 -13.29
C GLU A 198 0.51 -35.81 -13.37
N MET A 199 -0.81 -35.70 -13.50
CA MET A 199 -1.72 -36.84 -13.65
C MET A 199 -1.57 -37.49 -15.01
N ASP A 200 -1.35 -36.65 -16.05
CA ASP A 200 -1.13 -37.09 -17.44
C ASP A 200 0.06 -38.03 -17.48
N LYS A 201 1.13 -37.66 -16.76
CA LYS A 201 2.34 -38.47 -16.69
C LYS A 201 2.12 -39.78 -16.00
N LEU A 202 1.26 -39.77 -14.95
CA LEU A 202 0.88 -40.94 -14.15
C LEU A 202 0.05 -41.89 -14.98
N ILE A 203 -0.93 -41.33 -15.72
CA ILE A 203 -1.79 -42.05 -16.67
C ILE A 203 -0.93 -42.77 -17.69
N ALA A 204 0.05 -42.07 -18.31
CA ALA A 204 0.99 -42.63 -19.28
C ALA A 204 1.81 -43.80 -18.73
N GLN A 205 2.23 -43.70 -17.48
CA GLN A 205 3.03 -44.70 -16.79
C GLN A 205 2.25 -45.92 -16.34
N LYS A 206 1.03 -45.71 -15.81
CA LYS A 206 0.27 -46.76 -15.13
C LYS A 206 -0.96 -47.33 -15.85
N VAL A 207 -1.54 -46.62 -16.82
CA VAL A 207 -2.68 -47.21 -17.52
C VAL A 207 -2.18 -48.06 -18.71
N ARG A 208 -2.12 -49.39 -18.53
CA ARG A 208 -1.68 -50.37 -19.54
C ARG A 208 -2.50 -50.24 -20.82
N GLY A 209 -1.83 -50.06 -21.95
CA GLY A 209 -2.49 -49.96 -23.24
C GLY A 209 -2.63 -48.57 -23.84
N VAL A 210 -2.38 -47.52 -23.02
CA VAL A 210 -2.46 -46.14 -23.49
C VAL A 210 -1.24 -45.85 -24.34
N ASP A 211 -1.45 -45.36 -25.58
CA ASP A 211 -0.36 -45.05 -26.49
C ASP A 211 0.11 -43.62 -26.43
N VAL A 212 -0.84 -42.67 -26.23
CA VAL A 212 -0.62 -41.23 -26.18
C VAL A 212 -1.55 -40.65 -25.14
N VAL A 213 -1.09 -39.61 -24.41
CA VAL A 213 -1.86 -38.86 -23.44
C VAL A 213 -1.91 -37.40 -23.95
N VAL A 214 -3.12 -36.85 -24.13
CA VAL A 214 -3.34 -35.48 -24.57
C VAL A 214 -4.02 -34.74 -23.39
N GLY A 215 -3.31 -33.84 -22.72
CA GLY A 215 -3.87 -33.22 -21.53
C GLY A 215 -4.18 -31.74 -21.53
N GLY A 216 -4.50 -31.25 -20.36
CA GLY A 216 -4.87 -29.86 -20.12
C GLY A 216 -4.78 -29.55 -18.65
N HIS A 217 -5.53 -28.49 -18.23
CA HIS A 217 -5.69 -28.05 -16.83
C HIS A 217 -4.50 -27.33 -16.24
N SER A 218 -3.30 -27.79 -16.57
CA SER A 218 -2.12 -27.16 -15.96
C SER A 218 -1.54 -26.08 -16.88
N ASN A 219 -2.16 -25.90 -18.09
CA ASN A 219 -1.71 -24.95 -19.12
C ASN A 219 -0.23 -25.19 -19.42
N THR A 220 0.20 -26.46 -19.47
CA THR A 220 1.58 -26.84 -19.70
C THR A 220 2.00 -26.51 -21.11
N PHE A 221 3.14 -25.82 -21.22
CA PHE A 221 3.71 -25.49 -22.52
C PHE A 221 4.92 -26.41 -22.68
N LEU A 222 4.85 -27.29 -23.69
CA LEU A 222 5.97 -28.18 -23.97
C LEU A 222 6.54 -27.80 -25.32
N TYR A 223 7.87 -27.84 -25.49
CA TYR A 223 8.49 -27.49 -26.77
C TYR A 223 9.82 -28.18 -27.00
N THR A 224 10.09 -28.60 -28.24
CA THR A 224 11.38 -29.15 -28.69
C THR A 224 12.08 -28.06 -29.56
N GLY A 225 13.20 -27.54 -29.07
CA GLY A 225 13.95 -26.48 -29.74
C GLY A 225 13.74 -25.11 -29.12
N ASN A 226 13.97 -24.05 -29.88
CA ASN A 226 13.83 -22.67 -29.39
C ASN A 226 12.36 -22.27 -29.45
N PRO A 227 11.75 -21.88 -28.28
CA PRO A 227 10.30 -21.54 -28.28
C PRO A 227 9.96 -20.28 -29.08
N PRO A 228 8.80 -20.23 -29.77
CA PRO A 228 8.53 -19.07 -30.64
C PRO A 228 7.97 -17.82 -29.94
N SER A 229 7.48 -17.96 -28.68
CA SER A 229 6.90 -16.81 -27.98
C SER A 229 7.46 -16.61 -26.55
N LYS A 230 6.65 -16.07 -25.62
CA LYS A 230 7.08 -15.81 -24.24
C LYS A 230 6.88 -17.01 -23.27
N GLU A 231 6.13 -18.04 -23.68
CA GLU A 231 5.91 -19.23 -22.84
C GLU A 231 7.22 -20.03 -22.78
N VAL A 232 7.63 -20.40 -21.56
CA VAL A 232 8.88 -21.11 -21.26
C VAL A 232 8.48 -22.60 -21.14
N PRO A 233 9.16 -23.51 -21.88
CA PRO A 233 8.76 -24.93 -21.83
C PRO A 233 9.05 -25.60 -20.50
N ALA A 234 8.16 -26.48 -20.11
CA ALA A 234 8.27 -27.29 -18.89
C ALA A 234 9.07 -28.57 -19.20
N GLY A 235 9.19 -28.89 -20.49
CA GLY A 235 9.89 -30.07 -20.97
C GLY A 235 9.77 -30.13 -22.48
N LYS A 236 10.32 -31.22 -23.08
CA LYS A 236 10.28 -31.42 -24.53
C LYS A 236 8.90 -31.76 -25.04
N TYR A 237 8.65 -31.53 -26.33
CA TYR A 237 7.39 -31.88 -26.95
C TYR A 237 7.66 -32.97 -28.00
N PRO A 238 7.11 -34.20 -27.84
CA PRO A 238 6.27 -34.65 -26.70
C PRO A 238 7.12 -34.91 -25.47
N PHE A 239 6.47 -35.00 -24.28
CA PHE A 239 7.19 -35.38 -23.09
C PHE A 239 7.12 -36.93 -23.06
N ILE A 240 8.26 -37.62 -22.96
CA ILE A 240 8.27 -39.07 -23.01
C ILE A 240 8.25 -39.68 -21.62
N VAL A 241 7.26 -40.55 -21.36
CA VAL A 241 7.11 -41.29 -20.10
C VAL A 241 7.43 -42.76 -20.40
N THR A 242 8.20 -43.42 -19.54
CA THR A 242 8.49 -44.85 -19.68
C THR A 242 7.46 -45.55 -18.82
N SER A 243 6.52 -46.28 -19.45
CA SER A 243 5.44 -46.93 -18.74
C SER A 243 5.91 -48.09 -17.90
N ASP A 244 5.08 -48.50 -16.93
CA ASP A 244 5.35 -49.67 -16.10
C ASP A 244 5.42 -50.99 -16.93
N ASP A 245 4.73 -51.05 -18.11
CA ASP A 245 4.78 -52.23 -18.98
C ASP A 245 5.90 -52.12 -20.08
N GLY A 246 6.83 -51.19 -19.84
CA GLY A 246 8.04 -50.98 -20.63
C GLY A 246 7.94 -50.29 -21.97
N ARG A 247 6.96 -49.40 -22.13
CA ARG A 247 6.79 -48.69 -23.38
C ARG A 247 7.13 -47.19 -23.26
N LYS A 248 7.42 -46.56 -24.40
CA LYS A 248 7.67 -45.13 -24.41
C LYS A 248 6.35 -44.49 -24.79
N VAL A 249 5.79 -43.67 -23.89
CA VAL A 249 4.48 -43.03 -24.06
C VAL A 249 4.58 -41.51 -24.19
N PRO A 250 4.25 -40.92 -25.37
CA PRO A 250 4.29 -39.47 -25.49
C PRO A 250 3.13 -38.81 -24.75
N VAL A 251 3.45 -37.74 -24.01
CA VAL A 251 2.51 -36.93 -23.26
C VAL A 251 2.59 -35.53 -23.87
N VAL A 252 1.43 -35.00 -24.31
CA VAL A 252 1.42 -33.66 -24.90
C VAL A 252 0.40 -32.72 -24.21
N GLN A 253 0.67 -31.42 -24.32
CA GLN A 253 -0.22 -30.36 -23.85
C GLN A 253 0.04 -29.15 -24.75
N ALA A 254 -0.92 -28.23 -24.88
CA ALA A 254 -0.69 -27.08 -25.78
C ALA A 254 -0.99 -25.74 -25.16
N TYR A 255 -0.40 -25.47 -23.95
CA TYR A 255 -0.55 -24.20 -23.24
C TYR A 255 -2.05 -23.91 -22.97
N ALA A 256 -2.62 -22.82 -23.50
CA ALA A 256 -4.02 -22.45 -23.24
C ALA A 256 -4.40 -21.27 -24.11
N PHE A 257 -5.68 -20.87 -24.06
CA PHE A 257 -6.27 -19.69 -24.69
C PHE A 257 -6.25 -19.68 -26.23
N GLY A 258 -6.08 -20.86 -26.83
CA GLY A 258 -6.06 -20.98 -28.28
C GLY A 258 -4.87 -20.35 -28.97
N LYS A 259 -3.80 -20.01 -28.20
CA LYS A 259 -2.57 -19.37 -28.72
C LYS A 259 -1.75 -20.30 -29.62
N TYR A 260 -1.75 -21.61 -29.32
CA TYR A 260 -1.05 -22.64 -30.08
C TYR A 260 -1.99 -23.74 -30.47
N LEU A 261 -1.65 -24.45 -31.57
CA LEU A 261 -2.35 -25.67 -31.97
C LEU A 261 -1.34 -26.78 -31.70
N GLY A 262 -1.64 -27.71 -30.82
CA GLY A 262 -0.75 -28.83 -30.59
C GLY A 262 -0.66 -29.70 -31.83
N TYR A 263 0.52 -30.23 -32.16
CA TYR A 263 0.69 -31.00 -33.37
C TYR A 263 1.62 -32.16 -33.09
N LEU A 264 1.11 -33.41 -33.16
CA LEU A 264 1.98 -34.57 -32.92
C LEU A 264 1.76 -35.57 -34.00
N LYS A 265 2.81 -35.88 -34.79
CA LYS A 265 2.70 -36.86 -35.89
C LYS A 265 3.29 -38.19 -35.39
N ILE A 266 2.44 -39.25 -35.25
CA ILE A 266 2.77 -40.59 -34.71
C ILE A 266 2.86 -41.66 -35.82
N GLU A 267 3.91 -42.51 -35.72
CA GLU A 267 4.19 -43.64 -36.56
C GLU A 267 3.83 -44.88 -35.71
N PHE A 268 2.77 -45.58 -36.10
CA PHE A 268 2.34 -46.79 -35.41
C PHE A 268 2.75 -47.96 -36.27
N ASP A 269 2.93 -49.16 -35.67
CA ASP A 269 3.17 -50.34 -36.47
C ASP A 269 1.78 -50.94 -36.72
N GLU A 270 1.74 -52.13 -37.32
CA GLU A 270 0.49 -52.84 -37.64
C GLU A 270 -0.32 -53.24 -36.42
N ARG A 271 0.37 -53.46 -35.27
CA ARG A 271 -0.22 -53.91 -34.01
C ARG A 271 -0.63 -52.79 -33.08
N GLY A 272 -0.47 -51.56 -33.54
CA GLY A 272 -0.86 -50.36 -32.81
C GLY A 272 0.18 -49.80 -31.86
N ASN A 273 1.43 -50.32 -31.91
CA ASN A 273 2.49 -49.80 -31.02
C ASN A 273 3.15 -48.59 -31.67
N VAL A 274 3.45 -47.54 -30.86
CA VAL A 274 4.12 -46.32 -31.33
C VAL A 274 5.58 -46.63 -31.63
N ILE A 275 6.02 -46.40 -32.86
CA ILE A 275 7.40 -46.62 -33.29
C ILE A 275 8.17 -45.35 -32.93
N SER A 276 7.58 -44.19 -33.27
CA SER A 276 8.13 -42.86 -33.02
C SER A 276 7.02 -41.83 -33.07
N SER A 277 7.30 -40.62 -32.60
CA SER A 277 6.42 -39.46 -32.56
C SER A 277 7.32 -38.24 -32.53
N HIS A 278 6.83 -37.16 -33.15
CA HIS A 278 7.51 -35.87 -33.19
C HIS A 278 6.46 -34.80 -33.49
N GLY A 279 6.80 -33.57 -33.15
CA GLY A 279 5.92 -32.45 -33.38
C GLY A 279 6.34 -31.27 -32.53
N ASN A 280 5.42 -30.32 -32.36
CA ASN A 280 5.56 -29.11 -31.57
C ASN A 280 4.24 -28.35 -31.63
N PRO A 281 3.90 -27.56 -30.59
CA PRO A 281 2.69 -26.73 -30.69
C PRO A 281 2.96 -25.66 -31.75
N ILE A 282 1.95 -25.27 -32.51
CA ILE A 282 2.13 -24.28 -33.60
C ILE A 282 1.58 -22.96 -33.13
N LEU A 283 2.42 -21.93 -33.17
CA LEU A 283 2.04 -20.60 -32.73
C LEU A 283 1.07 -20.03 -33.76
N LEU A 284 -0.14 -19.73 -33.29
CA LEU A 284 -1.18 -19.17 -34.13
C LEU A 284 -1.03 -17.67 -34.13
N ASP A 285 0.01 -17.19 -34.83
CA ASP A 285 0.31 -15.77 -34.92
C ASP A 285 -0.17 -15.22 -36.27
N SER A 286 0.00 -13.90 -36.50
CA SER A 286 -0.37 -13.10 -37.67
C SER A 286 0.05 -13.63 -39.03
N SER A 287 1.06 -14.52 -39.07
CA SER A 287 1.56 -15.17 -40.28
CA SER A 287 1.52 -15.10 -40.32
C SER A 287 0.50 -16.12 -40.87
N ILE A 288 -0.46 -16.56 -40.03
CA ILE A 288 -1.52 -17.47 -40.44
C ILE A 288 -2.77 -16.59 -40.66
N PRO A 289 -3.36 -16.53 -41.86
CA PRO A 289 -4.57 -15.68 -42.01
C PRO A 289 -5.80 -16.28 -41.29
N GLU A 290 -6.72 -15.42 -40.88
CA GLU A 290 -7.97 -15.85 -40.27
C GLU A 290 -8.86 -16.30 -41.40
N ASP A 291 -9.44 -17.51 -41.29
CA ASP A 291 -10.35 -17.97 -42.30
C ASP A 291 -11.49 -16.94 -42.51
N PRO A 292 -11.71 -16.47 -43.75
CA PRO A 292 -12.76 -15.45 -43.98
C PRO A 292 -14.17 -15.87 -43.57
N SER A 293 -14.57 -17.14 -43.81
CA SER A 293 -15.91 -17.61 -43.46
C SER A 293 -16.13 -17.71 -41.98
N ILE A 294 -15.15 -18.27 -41.26
CA ILE A 294 -15.22 -18.36 -39.80
C ILE A 294 -15.22 -16.95 -39.19
N LYS A 295 -14.34 -16.05 -39.66
CA LYS A 295 -14.23 -14.67 -39.16
C LYS A 295 -15.53 -13.90 -39.40
N ALA A 296 -16.18 -14.10 -40.57
CA ALA A 296 -17.46 -13.44 -40.88
C ALA A 296 -18.54 -13.89 -39.87
N ASP A 297 -18.53 -15.20 -39.53
CA ASP A 297 -19.43 -15.83 -38.58
C ASP A 297 -19.14 -15.27 -37.18
N ILE A 298 -17.85 -15.24 -36.78
CA ILE A 298 -17.43 -14.65 -35.50
C ILE A 298 -17.98 -13.22 -35.38
N ASN A 299 -17.80 -12.40 -36.45
CA ASN A 299 -18.27 -11.00 -36.49
C ASN A 299 -19.80 -10.89 -36.29
N LYS A 300 -20.56 -11.82 -36.91
CA LYS A 300 -22.03 -11.93 -36.80
C LYS A 300 -22.41 -12.11 -35.32
N TRP A 301 -21.75 -13.06 -34.62
CA TRP A 301 -21.97 -13.33 -33.21
C TRP A 301 -21.46 -12.19 -32.31
N ARG A 302 -20.41 -11.47 -32.75
CA ARG A 302 -19.83 -10.36 -32.00
C ARG A 302 -20.82 -9.22 -31.70
N ILE A 303 -21.76 -8.98 -32.64
CA ILE A 303 -22.76 -7.90 -32.59
C ILE A 303 -23.49 -7.84 -31.23
N LYS A 304 -23.97 -8.97 -30.71
CA LYS A 304 -24.69 -9.10 -29.45
C LYS A 304 -23.81 -8.74 -28.26
N LEU A 305 -22.48 -8.94 -28.38
CA LEU A 305 -21.52 -8.64 -27.33
C LEU A 305 -21.14 -7.15 -27.31
N ASP A 306 -21.25 -6.44 -28.44
CA ASP A 306 -20.92 -5.02 -28.50
C ASP A 306 -21.90 -4.20 -27.65
N ASP A 307 -23.13 -4.76 -27.45
CA ASP A 307 -24.22 -4.18 -26.65
C ASP A 307 -23.76 -3.88 -25.24
N TYR A 308 -22.68 -4.57 -24.79
CA TYR A 308 -22.07 -4.42 -23.47
C TYR A 308 -21.44 -3.06 -23.33
N SER A 309 -21.95 -2.25 -22.35
CA SER A 309 -21.52 -0.88 -22.05
C SER A 309 -20.04 -0.63 -22.36
N THR A 310 -19.78 -0.11 -23.59
CA THR A 310 -18.47 0.23 -24.10
C THR A 310 -17.87 1.42 -23.30
N GLN A 311 -18.70 2.02 -22.40
CA GLN A 311 -18.34 3.10 -21.50
C GLN A 311 -17.15 2.70 -20.64
N GLU A 312 -16.22 3.63 -20.48
CA GLU A 312 -15.00 3.48 -19.72
C GLU A 312 -15.34 3.45 -18.23
N LEU A 313 -14.88 2.42 -17.49
CA LEU A 313 -15.12 2.36 -16.05
C LEU A 313 -14.14 3.32 -15.36
N GLY A 314 -12.92 3.36 -15.88
CA GLY A 314 -11.81 4.17 -15.40
C GLY A 314 -10.55 3.86 -16.17
N LYS A 315 -9.40 4.31 -15.67
CA LYS A 315 -8.14 4.08 -16.37
C LYS A 315 -7.08 3.41 -15.54
N THR A 316 -6.23 2.62 -16.21
CA THR A 316 -5.04 2.06 -15.58
C THR A 316 -3.82 2.65 -16.25
N ILE A 317 -2.81 2.99 -15.46
CA ILE A 317 -1.58 3.53 -16.02
C ILE A 317 -0.46 2.48 -15.90
N VAL A 318 -0.83 1.29 -15.44
CA VAL A 318 0.09 0.17 -15.27
C VAL A 318 -0.55 -1.05 -15.92
N TYR A 319 0.28 -2.03 -16.31
CA TYR A 319 -0.22 -3.29 -16.86
C TYR A 319 -0.87 -4.00 -15.69
N LEU A 320 -2.12 -4.46 -15.86
CA LEU A 320 -2.80 -5.17 -14.75
C LEU A 320 -2.49 -6.62 -14.94
N ASP A 321 -1.45 -7.10 -14.24
CA ASP A 321 -1.00 -8.48 -14.37
C ASP A 321 -1.87 -9.48 -13.66
N GLY A 322 -2.85 -9.99 -14.39
CA GLY A 322 -3.76 -11.01 -13.92
C GLY A 322 -3.49 -12.32 -14.64
N SER A 323 -2.25 -12.52 -15.14
CA SER A 323 -1.89 -13.76 -15.82
C SER A 323 -1.75 -14.87 -14.78
N SER A 324 -2.05 -16.11 -15.15
CA SER A 324 -1.95 -17.28 -14.26
C SER A 324 -0.49 -17.53 -13.88
N GLN A 325 0.46 -17.33 -14.81
CA GLN A 325 1.90 -17.52 -14.63
C GLN A 325 2.39 -16.66 -13.50
N SER A 326 1.76 -15.49 -13.31
CA SER A 326 2.09 -14.63 -12.17
C SER A 326 1.28 -14.99 -10.93
N CYS A 327 -0.06 -14.82 -10.99
CA CYS A 327 -1.00 -14.91 -9.89
C CYS A 327 -1.10 -16.27 -9.21
N ARG A 328 -0.56 -17.33 -9.85
CA ARG A 328 -0.57 -18.64 -9.21
C ARG A 328 0.82 -18.96 -8.70
N PHE A 329 1.79 -18.08 -8.92
CA PHE A 329 3.17 -18.32 -8.51
C PHE A 329 3.76 -17.31 -7.58
N ARG A 330 3.28 -16.06 -7.63
CA ARG A 330 3.84 -14.95 -6.83
C ARG A 330 2.85 -13.81 -6.71
N GLU A 331 3.25 -12.75 -5.94
CA GLU A 331 2.46 -11.53 -5.76
C GLU A 331 2.20 -10.93 -7.13
N CYS A 332 0.93 -10.67 -7.48
CA CYS A 332 0.63 -10.06 -8.77
C CYS A 332 -0.21 -8.81 -8.51
N ASN A 333 0.07 -7.70 -9.21
CA ASN A 333 -0.60 -6.42 -8.96
C ASN A 333 -2.11 -6.46 -9.23
N MET A 334 -2.61 -7.35 -10.12
CA MET A 334 -4.06 -7.48 -10.32
C MET A 334 -4.68 -8.08 -9.02
N GLY A 335 -3.93 -8.94 -8.34
CA GLY A 335 -4.35 -9.59 -7.09
C GLY A 335 -4.49 -8.59 -5.97
N ASN A 336 -3.51 -7.65 -5.90
CA ASN A 336 -3.47 -6.56 -4.94
C ASN A 336 -4.58 -5.59 -5.24
N LEU A 337 -4.88 -5.32 -6.53
CA LEU A 337 -5.98 -4.42 -6.93
C LEU A 337 -7.33 -4.94 -6.45
N ILE A 338 -7.59 -6.23 -6.65
CA ILE A 338 -8.88 -6.85 -6.27
C ILE A 338 -9.00 -6.90 -4.76
N CYS A 339 -7.92 -7.30 -4.07
CA CYS A 339 -7.94 -7.33 -2.61
C CYS A 339 -8.12 -5.92 -2.00
N ASP A 340 -7.57 -4.87 -2.65
CA ASP A 340 -7.73 -3.51 -2.13
C ASP A 340 -9.14 -2.98 -2.45
N ALA A 341 -9.69 -3.38 -3.63
CA ALA A 341 -11.05 -3.05 -4.03
C ALA A 341 -12.04 -3.68 -3.03
N MET A 342 -11.82 -4.97 -2.64
CA MET A 342 -12.61 -5.74 -1.66
C MET A 342 -12.61 -5.02 -0.32
N ILE A 343 -11.41 -4.75 0.24
CA ILE A 343 -11.28 -4.05 1.53
C ILE A 343 -11.98 -2.67 1.47
N ASN A 344 -11.74 -1.91 0.37
CA ASN A 344 -12.27 -0.55 0.19
C ASN A 344 -13.78 -0.48 0.14
N ASN A 345 -14.39 -1.29 -0.74
CA ASN A 345 -15.83 -1.33 -0.93
C ASN A 345 -16.52 -1.64 0.37
N ASN A 346 -15.97 -2.60 1.13
CA ASN A 346 -16.52 -3.01 2.43
C ASN A 346 -16.52 -1.87 3.44
N LEU A 347 -15.43 -1.06 3.52
CA LEU A 347 -15.34 0.08 4.46
C LEU A 347 -16.28 1.23 4.05
N ARG A 348 -16.53 1.35 2.72
CA ARG A 348 -17.38 2.36 2.11
C ARG A 348 -18.80 1.82 1.97
N HIS A 357 -14.61 -1.77 10.10
CA HIS A 357 -13.23 -2.22 10.08
C HIS A 357 -12.97 -3.72 9.84
N VAL A 358 -12.40 -3.98 8.64
CA VAL A 358 -11.82 -5.24 8.15
CA VAL A 358 -11.88 -5.25 8.10
C VAL A 358 -10.70 -4.77 7.21
N SER A 359 -9.45 -5.18 7.49
CA SER A 359 -8.33 -4.73 6.65
C SER A 359 -7.50 -5.88 6.06
N MET A 360 -8.00 -7.10 6.19
CA MET A 360 -7.32 -8.28 5.70
C MET A 360 -8.12 -8.94 4.59
N CYS A 361 -7.42 -9.37 3.54
CA CYS A 361 -8.02 -10.00 2.38
C CYS A 361 -7.18 -11.16 1.89
N ILE A 362 -7.85 -12.25 1.42
CA ILE A 362 -7.21 -13.39 0.79
C ILE A 362 -7.97 -13.68 -0.52
N LEU A 363 -7.24 -13.91 -1.62
CA LEU A 363 -7.83 -14.12 -2.93
C LEU A 363 -7.04 -15.15 -3.73
N ASN A 364 -7.64 -16.29 -4.04
CA ASN A 364 -6.97 -17.36 -4.79
C ASN A 364 -6.66 -16.98 -6.22
N GLY A 365 -5.48 -17.33 -6.66
CA GLY A 365 -5.02 -17.09 -8.03
C GLY A 365 -5.96 -17.72 -9.04
N GLY A 366 -6.59 -18.82 -8.65
CA GLY A 366 -7.61 -19.50 -9.44
C GLY A 366 -8.83 -18.66 -9.83
N GLY A 367 -9.14 -17.63 -9.03
CA GLY A 367 -10.26 -16.74 -9.34
C GLY A 367 -9.89 -15.55 -10.21
N ILE A 368 -8.60 -15.40 -10.57
CA ILE A 368 -8.05 -14.26 -11.38
C ILE A 368 -7.80 -14.84 -12.72
N ARG A 369 -8.53 -14.39 -13.73
CA ARG A 369 -8.61 -15.13 -14.99
C ARG A 369 -8.00 -14.48 -16.18
N SER A 370 -7.53 -13.22 -16.04
CA SER A 370 -6.96 -12.52 -17.19
C SER A 370 -6.24 -11.25 -16.78
N PRO A 371 -5.20 -10.83 -17.56
CA PRO A 371 -4.61 -9.52 -17.28
C PRO A 371 -5.45 -8.45 -18.01
N ILE A 372 -5.11 -7.17 -17.84
CA ILE A 372 -5.74 -6.07 -18.57
C ILE A 372 -4.58 -5.20 -19.01
N ASP A 373 -4.51 -4.94 -20.31
CA ASP A 373 -3.47 -4.09 -20.90
C ASP A 373 -3.74 -2.57 -20.71
N GLU A 374 -2.68 -1.78 -20.40
CA GLU A 374 -2.71 -0.33 -20.19
C GLU A 374 -2.48 0.56 -21.42
N ARG A 375 -1.99 0.00 -22.55
CA ARG A 375 -1.63 0.76 -23.74
C ARG A 375 -2.82 1.36 -24.57
N ASN A 376 -4.08 0.92 -24.33
CA ASN A 376 -5.27 1.44 -25.06
C ASN A 376 -5.78 2.77 -24.42
N ASP A 377 -4.86 3.73 -24.17
CA ASP A 377 -5.11 4.97 -23.43
C ASP A 377 -5.58 4.65 -21.97
N GLY A 378 -5.27 3.43 -21.53
CA GLY A 378 -5.56 2.90 -20.20
C GLY A 378 -6.97 2.43 -19.91
N THR A 379 -7.85 2.49 -20.92
CA THR A 379 -9.28 2.19 -20.82
C THR A 379 -9.57 0.78 -20.29
N ILE A 380 -10.44 0.72 -19.26
CA ILE A 380 -10.96 -0.49 -18.63
C ILE A 380 -12.45 -0.42 -18.87
N THR A 381 -13.00 -1.47 -19.48
CA THR A 381 -14.42 -1.60 -19.82
C THR A 381 -14.94 -2.79 -19.07
N TRP A 382 -16.26 -3.00 -19.10
CA TRP A 382 -16.90 -4.15 -18.48
C TRP A 382 -16.41 -5.45 -19.14
N GLU A 383 -16.16 -5.43 -20.47
CA GLU A 383 -15.63 -6.59 -21.19
C GLU A 383 -14.24 -7.02 -20.68
N ASN A 384 -13.31 -6.06 -20.43
CA ASN A 384 -11.95 -6.31 -19.91
C ASN A 384 -12.03 -6.96 -18.53
N LEU A 385 -12.93 -6.43 -17.68
CA LEU A 385 -13.13 -6.86 -16.31
C LEU A 385 -13.83 -8.21 -16.19
N ALA A 386 -14.85 -8.44 -17.03
CA ALA A 386 -15.59 -9.69 -17.07
C ALA A 386 -14.68 -10.88 -17.40
N ALA A 387 -13.55 -10.64 -18.10
CA ALA A 387 -12.57 -11.68 -18.42
C ALA A 387 -11.72 -12.01 -17.17
N VAL A 388 -11.57 -11.04 -16.28
CA VAL A 388 -10.81 -11.18 -15.04
C VAL A 388 -11.63 -11.91 -13.98
N LEU A 389 -12.88 -11.48 -13.78
CA LEU A 389 -13.79 -12.02 -12.76
C LEU A 389 -15.09 -12.50 -13.42
N PRO A 390 -15.12 -13.71 -14.02
CA PRO A 390 -16.35 -14.17 -14.73
C PRO A 390 -17.38 -14.96 -13.94
N PHE A 391 -17.00 -15.44 -12.75
CA PHE A 391 -17.83 -16.40 -12.02
C PHE A 391 -19.14 -15.92 -11.38
N GLY A 392 -19.38 -14.61 -11.26
CA GLY A 392 -20.61 -14.12 -10.64
C GLY A 392 -20.75 -14.45 -9.16
N GLY A 393 -19.63 -14.45 -8.44
CA GLY A 393 -19.63 -14.73 -7.00
C GLY A 393 -19.68 -13.46 -6.19
N THR A 394 -19.48 -13.59 -4.89
CA THR A 394 -19.50 -12.43 -4.00
C THR A 394 -18.22 -12.39 -3.18
N PHE A 395 -17.93 -11.22 -2.59
CA PHE A 395 -16.80 -11.02 -1.67
C PHE A 395 -17.40 -10.97 -0.27
N ASP A 396 -17.18 -12.02 0.52
CA ASP A 396 -17.80 -12.23 1.83
C ASP A 396 -16.92 -11.97 3.01
N LEU A 397 -17.55 -11.72 4.16
CA LEU A 397 -16.85 -11.47 5.41
C LEU A 397 -16.83 -12.71 6.23
N VAL A 398 -15.66 -13.04 6.75
CA VAL A 398 -15.41 -14.22 7.54
C VAL A 398 -14.59 -13.90 8.82
N GLN A 399 -14.91 -14.59 9.92
CA GLN A 399 -14.17 -14.48 11.16
C GLN A 399 -13.39 -15.79 11.29
N LEU A 400 -12.06 -15.67 11.34
CA LEU A 400 -11.15 -16.82 11.38
C LEU A 400 -10.15 -16.76 12.50
N LYS A 401 -9.84 -17.94 13.09
CA LYS A 401 -8.80 -18.12 14.10
C LYS A 401 -7.47 -17.94 13.36
N GLY A 402 -6.42 -17.57 14.06
CA GLY A 402 -5.13 -17.38 13.43
C GLY A 402 -4.64 -18.69 12.84
N SER A 403 -4.86 -19.78 13.60
CA SER A 403 -4.51 -21.15 13.23
C SER A 403 -5.16 -21.57 11.95
N THR A 404 -6.42 -21.15 11.71
CA THR A 404 -7.13 -21.46 10.48
C THR A 404 -6.44 -20.74 9.31
N LEU A 405 -6.10 -19.48 9.56
CA LEU A 405 -5.45 -18.62 8.59
C LEU A 405 -4.05 -19.09 8.23
N LYS A 406 -3.27 -19.60 9.19
CA LYS A 406 -1.93 -20.17 8.97
C LYS A 406 -2.06 -21.43 8.08
N LYS A 407 -3.08 -22.29 8.36
CA LYS A 407 -3.40 -23.51 7.59
C LYS A 407 -3.77 -23.22 6.14
N ALA A 408 -4.45 -22.08 5.89
CA ALA A 408 -4.89 -21.66 4.58
C ALA A 408 -3.65 -21.28 3.77
N PHE A 409 -2.72 -20.55 4.41
CA PHE A 409 -1.45 -20.14 3.78
C PHE A 409 -0.54 -21.33 3.51
N GLU A 410 -0.58 -22.36 4.38
CA GLU A 410 0.19 -23.57 4.14
C GLU A 410 -0.35 -24.31 2.92
N HIS A 411 -1.68 -24.31 2.78
CA HIS A 411 -2.41 -24.93 1.69
C HIS A 411 -2.12 -24.22 0.37
N SER A 412 -2.00 -22.88 0.43
CA SER A 412 -1.69 -21.99 -0.69
C SER A 412 -0.42 -22.42 -1.50
N VAL A 413 0.53 -23.12 -0.85
CA VAL A 413 1.81 -23.55 -1.43
C VAL A 413 2.11 -25.04 -1.17
N HIS A 414 1.11 -25.84 -0.77
CA HIS A 414 1.34 -27.25 -0.41
C HIS A 414 1.91 -28.07 -1.58
N ARG A 415 1.58 -27.70 -2.82
CA ARG A 415 2.06 -28.43 -4.01
C ARG A 415 2.51 -27.40 -5.01
N TYR A 416 3.24 -26.38 -4.52
CA TYR A 416 3.72 -25.27 -5.32
C TYR A 416 4.48 -25.73 -6.54
N GLY A 417 4.19 -25.12 -7.69
CA GLY A 417 4.88 -25.39 -8.93
C GLY A 417 4.08 -26.11 -9.99
N GLN A 418 2.79 -26.41 -9.72
CA GLN A 418 1.94 -27.14 -10.69
C GLN A 418 0.93 -26.23 -11.39
N SER A 419 1.00 -24.92 -11.12
CA SER A 419 0.11 -23.90 -11.69
C SER A 419 -1.33 -24.17 -11.26
N THR A 420 -1.47 -24.57 -9.97
CA THR A 420 -2.77 -24.86 -9.35
C THR A 420 -3.32 -23.54 -8.79
N GLY A 421 -4.63 -23.51 -8.58
CA GLY A 421 -5.34 -22.30 -8.22
C GLY A 421 -5.37 -21.81 -6.81
N GLU A 422 -4.82 -22.59 -5.85
CA GLU A 422 -4.90 -22.26 -4.44
C GLU A 422 -3.90 -21.21 -3.98
N PHE A 423 -2.94 -20.77 -4.84
CA PHE A 423 -2.00 -19.73 -4.42
C PHE A 423 -2.76 -18.47 -4.04
N LEU A 424 -2.49 -17.89 -2.86
CA LEU A 424 -3.24 -16.73 -2.40
C LEU A 424 -2.62 -15.40 -2.66
N GLN A 425 -3.44 -14.51 -3.23
CA GLN A 425 -3.15 -13.09 -3.37
C GLN A 425 -3.66 -12.46 -2.04
N VAL A 426 -3.05 -11.34 -1.59
CA VAL A 426 -3.42 -10.78 -0.28
C VAL A 426 -3.59 -9.27 -0.21
N GLY A 427 -4.23 -8.84 0.89
CA GLY A 427 -4.42 -7.46 1.34
C GLY A 427 -4.32 -7.47 2.86
N GLY A 428 -3.60 -6.49 3.41
CA GLY A 428 -3.39 -6.37 4.86
C GLY A 428 -2.63 -7.50 5.51
N ILE A 429 -1.83 -8.22 4.71
CA ILE A 429 -1.04 -9.37 5.13
C ILE A 429 0.33 -9.33 4.42
N HIS A 430 1.39 -9.71 5.14
CA HIS A 430 2.78 -9.84 4.66
C HIS A 430 3.21 -11.26 5.00
N VAL A 431 3.28 -12.13 3.99
CA VAL A 431 3.62 -13.53 4.19
C VAL A 431 4.95 -13.89 3.50
N VAL A 432 5.80 -14.67 4.18
CA VAL A 432 7.07 -15.14 3.64
C VAL A 432 7.04 -16.65 3.63
N TYR A 433 7.41 -17.26 2.50
CA TYR A 433 7.43 -18.70 2.29
C TYR A 433 8.85 -19.19 2.11
N ASP A 434 9.18 -20.37 2.65
CA ASP A 434 10.45 -21.06 2.39
C ASP A 434 10.05 -22.41 1.79
N LEU A 435 10.03 -22.47 0.46
CA LEU A 435 9.63 -23.61 -0.36
C LEU A 435 10.49 -24.86 -0.20
N SER A 436 11.74 -24.70 0.31
CA SER A 436 12.65 -25.82 0.56
C SER A 436 12.12 -26.70 1.71
N ARG A 437 11.24 -26.14 2.55
CA ARG A 437 10.65 -26.81 3.71
C ARG A 437 9.54 -27.78 3.29
N LYS A 438 9.23 -28.75 4.17
CA LYS A 438 8.21 -29.78 3.95
C LYS A 438 6.83 -29.13 3.75
N PRO A 439 5.95 -29.66 2.87
CA PRO A 439 4.61 -29.06 2.74
C PRO A 439 3.87 -29.09 4.07
N GLY A 440 3.19 -27.99 4.39
CA GLY A 440 2.51 -27.83 5.67
C GLY A 440 3.37 -27.10 6.69
N ASP A 441 4.63 -26.76 6.31
CA ASP A 441 5.58 -26.03 7.17
C ASP A 441 6.44 -25.06 6.33
N ARG A 442 5.83 -24.43 5.31
CA ARG A 442 6.48 -23.50 4.39
C ARG A 442 6.30 -22.04 4.79
N VAL A 443 5.26 -21.70 5.59
CA VAL A 443 5.03 -20.32 6.02
C VAL A 443 6.06 -20.00 7.12
N VAL A 444 7.09 -19.22 6.78
CA VAL A 444 8.16 -18.89 7.74
C VAL A 444 7.92 -17.54 8.46
N LYS A 445 7.03 -16.68 7.91
CA LYS A 445 6.66 -15.37 8.50
C LYS A 445 5.26 -15.01 8.04
N LEU A 446 4.44 -14.49 8.94
CA LEU A 446 3.07 -14.08 8.63
C LEU A 446 2.69 -12.94 9.60
N ASP A 447 2.64 -11.73 9.04
CA ASP A 447 2.29 -10.52 9.77
C ASP A 447 0.99 -10.01 9.20
N VAL A 448 0.10 -9.53 10.07
CA VAL A 448 -1.21 -9.05 9.67
C VAL A 448 -1.47 -7.66 10.25
N LEU A 449 -2.34 -6.90 9.60
CA LEU A 449 -2.73 -5.56 10.01
C LEU A 449 -3.59 -5.67 11.28
N CYS A 450 -3.18 -5.00 12.38
CA CYS A 450 -3.94 -5.05 13.63
C CYS A 450 -5.31 -4.37 13.46
N THR A 451 -6.26 -4.75 14.30
CA THR A 451 -7.62 -4.17 14.28
C THR A 451 -7.93 -3.48 15.59
N LYS A 452 -7.46 -4.08 16.71
CA LYS A 452 -7.65 -3.55 18.06
C LYS A 452 -6.57 -2.50 18.36
N CYS A 453 -6.32 -1.64 17.38
CA CYS A 453 -5.34 -0.57 17.40
C CYS A 453 -5.96 0.66 16.78
N ARG A 454 -5.50 1.83 17.21
CA ARG A 454 -5.96 3.10 16.66
C ARG A 454 -5.22 3.39 15.38
N VAL A 455 -3.92 3.02 15.34
CA VAL A 455 -3.08 3.11 14.15
C VAL A 455 -2.78 1.70 13.64
N PRO A 456 -3.24 1.35 12.42
CA PRO A 456 -2.93 0.02 11.86
C PRO A 456 -1.44 -0.16 11.53
N SER A 457 -0.89 -1.32 11.91
CA SER A 457 0.50 -1.72 11.68
C SER A 457 0.60 -3.25 11.61
N TYR A 458 1.66 -3.78 10.96
CA TYR A 458 1.84 -5.21 10.77
C TYR A 458 2.47 -5.87 12.00
N ASP A 459 1.69 -6.76 12.62
CA ASP A 459 2.09 -7.51 13.80
C ASP A 459 2.02 -9.01 13.49
N PRO A 460 2.89 -9.84 14.10
CA PRO A 460 2.82 -11.28 13.82
C PRO A 460 1.47 -11.89 14.10
N LEU A 461 1.03 -12.77 13.20
CA LEU A 461 -0.23 -13.49 13.39
C LEU A 461 -0.10 -14.33 14.67
N LYS A 462 -1.19 -14.49 15.41
CA LYS A 462 -1.20 -15.33 16.61
C LYS A 462 -2.20 -16.44 16.37
N MET A 463 -1.77 -17.70 16.61
CA MET A 463 -2.60 -18.88 16.35
C MET A 463 -3.94 -18.85 17.09
N ASP A 464 -3.92 -18.40 18.35
CA ASP A 464 -5.09 -18.34 19.24
C ASP A 464 -5.92 -17.03 19.10
N GLU A 465 -5.50 -16.10 18.21
CA GLU A 465 -6.19 -14.84 17.96
C GLU A 465 -7.28 -15.00 16.88
N VAL A 466 -8.24 -14.07 16.81
CA VAL A 466 -9.36 -14.11 15.86
C VAL A 466 -9.31 -12.89 14.97
N TYR A 467 -9.34 -13.11 13.65
CA TYR A 467 -9.23 -12.09 12.60
C TYR A 467 -10.43 -12.04 11.70
N LYS A 468 -10.73 -10.86 11.15
CA LYS A 468 -11.84 -10.69 10.22
C LYS A 468 -11.24 -10.53 8.83
N VAL A 469 -11.61 -11.41 7.92
CA VAL A 469 -11.06 -11.47 6.56
C VAL A 469 -12.15 -11.38 5.49
N ILE A 470 -11.88 -10.63 4.41
CA ILE A 470 -12.74 -10.56 3.23
C ILE A 470 -12.12 -11.48 2.16
N LEU A 471 -12.89 -12.44 1.71
CA LEU A 471 -12.46 -13.42 0.74
C LEU A 471 -13.62 -13.76 -0.19
N PRO A 472 -13.39 -14.42 -1.34
CA PRO A 472 -14.54 -14.82 -2.16
C PRO A 472 -15.39 -15.88 -1.42
N ASN A 473 -16.68 -15.86 -1.73
CA ASN A 473 -17.76 -16.83 -1.43
C ASN A 473 -17.21 -18.30 -1.63
N PHE A 474 -16.48 -18.47 -2.72
CA PHE A 474 -15.88 -19.70 -3.22
C PHE A 474 -14.94 -20.33 -2.19
N LEU A 475 -14.11 -19.50 -1.57
CA LEU A 475 -13.10 -19.93 -0.61
C LEU A 475 -13.68 -20.29 0.71
N ALA A 476 -14.76 -19.58 1.11
CA ALA A 476 -15.53 -19.79 2.33
C ALA A 476 -16.33 -21.10 2.16
N ASN A 477 -16.49 -21.58 0.88
CA ASN A 477 -17.21 -22.80 0.63
C ASN A 477 -16.28 -23.97 0.38
N GLY A 478 -15.01 -23.80 0.69
CA GLY A 478 -14.00 -24.83 0.55
C GLY A 478 -13.55 -25.08 -0.87
N GLY A 479 -13.67 -24.05 -1.70
CA GLY A 479 -13.20 -24.08 -3.07
C GLY A 479 -11.69 -24.11 -3.05
N ASP A 480 -11.08 -24.71 -4.07
CA ASP A 480 -9.63 -24.87 -4.19
C ASP A 480 -9.03 -25.72 -3.07
N GLY A 481 -9.85 -26.53 -2.40
CA GLY A 481 -9.40 -27.42 -1.34
C GLY A 481 -9.22 -26.76 0.02
N PHE A 482 -9.72 -25.51 0.16
CA PHE A 482 -9.65 -24.77 1.42
C PHE A 482 -10.74 -25.26 2.40
N GLN A 483 -10.68 -26.54 2.77
CA GLN A 483 -11.61 -27.20 3.67
C GLN A 483 -11.56 -26.63 5.07
N MET A 484 -10.36 -26.19 5.53
CA MET A 484 -10.15 -25.60 6.86
C MET A 484 -10.93 -24.29 7.06
N ILE A 485 -11.17 -23.51 5.99
CA ILE A 485 -11.92 -22.25 6.05
C ILE A 485 -13.39 -22.61 6.28
N LYS A 486 -13.95 -23.48 5.41
CA LYS A 486 -15.33 -23.95 5.54
C LYS A 486 -15.61 -24.53 6.93
N ASP A 487 -14.80 -25.51 7.37
CA ASP A 487 -14.98 -26.21 8.64
C ASP A 487 -14.65 -25.44 9.87
N GLU A 488 -13.73 -24.45 9.83
CA GLU A 488 -13.34 -23.77 11.06
C GLU A 488 -13.79 -22.32 11.19
N LEU A 489 -14.40 -21.72 10.14
CA LEU A 489 -14.84 -20.32 10.25
C LEU A 489 -15.84 -20.12 11.39
N LEU A 490 -15.85 -18.96 12.03
CA LEU A 490 -16.74 -18.70 13.16
C LEU A 490 -17.92 -17.82 12.76
N ARG A 491 -17.82 -17.15 11.62
CA ARG A 491 -18.88 -16.26 11.13
C ARG A 491 -18.64 -16.09 9.66
N HIS A 492 -19.74 -16.05 8.90
CA HIS A 492 -19.71 -15.89 7.47
C HIS A 492 -20.92 -15.08 7.04
N ASP A 493 -20.67 -13.81 6.71
CA ASP A 493 -21.68 -12.87 6.22
C ASP A 493 -21.52 -12.79 4.72
N SER A 494 -22.65 -12.76 3.99
CA SER A 494 -22.67 -12.68 2.53
C SER A 494 -22.34 -11.27 2.08
N GLY A 495 -21.56 -11.15 1.02
CA GLY A 495 -21.14 -9.86 0.54
C GLY A 495 -21.72 -9.44 -0.79
N ASP A 496 -21.07 -8.39 -1.36
CA ASP A 496 -21.38 -7.78 -2.65
C ASP A 496 -20.76 -8.56 -3.79
N GLN A 497 -21.38 -8.44 -4.98
CA GLN A 497 -21.02 -9.06 -6.25
C GLN A 497 -19.57 -8.74 -6.60
N ASP A 498 -18.76 -9.78 -6.85
CA ASP A 498 -17.33 -9.60 -7.12
C ASP A 498 -16.97 -8.50 -8.15
N ILE A 499 -17.50 -8.61 -9.36
CA ILE A 499 -17.22 -7.73 -10.49
C ILE A 499 -17.71 -6.30 -10.21
N ASN A 500 -18.88 -6.15 -9.54
CA ASN A 500 -19.39 -4.81 -9.24
C ASN A 500 -18.51 -4.10 -8.23
N VAL A 501 -18.00 -4.86 -7.21
CA VAL A 501 -17.07 -4.34 -6.21
C VAL A 501 -15.84 -3.76 -6.93
N VAL A 502 -15.27 -4.50 -7.86
CA VAL A 502 -14.07 -4.07 -8.58
C VAL A 502 -14.36 -2.91 -9.59
N SER A 503 -15.49 -2.89 -10.34
CA SER A 503 -15.78 -1.77 -11.24
C SER A 503 -16.05 -0.45 -10.54
N THR A 504 -16.84 -0.50 -9.43
CA THR A 504 -17.17 0.67 -8.64
C THR A 504 -15.90 1.30 -8.09
N TYR A 505 -15.01 0.45 -7.57
CA TYR A 505 -13.73 0.90 -7.02
C TYR A 505 -12.93 1.57 -8.13
N ILE A 506 -12.90 0.98 -9.33
CA ILE A 506 -12.18 1.58 -10.45
C ILE A 506 -12.80 2.95 -10.84
N SER A 507 -14.15 3.05 -10.84
CA SER A 507 -14.86 4.30 -11.16
C SER A 507 -14.62 5.37 -10.10
N LYS A 508 -14.46 4.94 -8.83
CA LYS A 508 -14.19 5.82 -7.69
C LYS A 508 -12.75 6.36 -7.74
N MET A 509 -11.80 5.48 -8.06
CA MET A 509 -10.39 5.85 -8.14
C MET A 509 -10.06 6.66 -9.38
N LYS A 510 -10.81 6.45 -10.47
CA LYS A 510 -10.67 7.08 -11.79
C LYS A 510 -9.39 6.59 -12.48
N VAL A 511 -8.24 6.75 -11.84
CA VAL A 511 -6.92 6.32 -12.32
C VAL A 511 -6.34 5.38 -11.27
N ILE A 512 -6.05 4.15 -11.67
CA ILE A 512 -5.47 3.11 -10.81
C ILE A 512 -4.04 2.81 -11.28
N TYR A 513 -3.21 2.38 -10.33
CA TYR A 513 -1.81 2.04 -10.51
C TYR A 513 -1.36 1.00 -9.46
N PRO A 514 -1.99 -0.22 -9.35
CA PRO A 514 -1.52 -1.17 -8.32
C PRO A 514 -0.08 -1.62 -8.60
N ALA A 515 0.62 -1.92 -7.51
CA ALA A 515 2.03 -2.29 -7.54
C ALA A 515 2.28 -3.63 -6.86
N VAL A 516 3.43 -4.24 -7.16
CA VAL A 516 3.95 -5.43 -6.48
C VAL A 516 4.80 -4.77 -5.37
N GLU A 517 4.35 -4.87 -4.11
CA GLU A 517 4.87 -4.18 -2.91
C GLU A 517 5.65 -5.01 -1.89
N GLY A 518 5.65 -6.32 -2.01
CA GLY A 518 6.31 -7.19 -1.04
C GLY A 518 5.34 -7.81 -0.05
N ARG A 519 4.04 -7.88 -0.42
CA ARG A 519 3.00 -8.52 0.40
C ARG A 519 3.29 -10.04 0.49
N ILE A 520 3.95 -10.62 -0.56
CA ILE A 520 4.30 -12.03 -0.68
C ILE A 520 5.76 -12.15 -1.00
N LYS A 521 6.51 -12.86 -0.15
CA LYS A 521 7.95 -13.05 -0.37
C LYS A 521 8.34 -14.51 -0.20
N PHE A 522 9.46 -14.88 -0.80
CA PHE A 522 10.01 -16.22 -0.72
C PHE A 522 11.43 -16.16 -0.13
N SER A 523 11.83 -17.20 0.63
CA SER A 523 13.13 -17.31 1.29
C SER A 523 13.83 -18.60 0.90
N TRP B 1 17.99 34.24 48.31
CA TRP B 1 16.92 34.86 47.54
C TRP B 1 16.34 33.81 46.59
N GLU B 2 14.99 33.65 46.64
CA GLU B 2 14.26 32.65 45.88
C GLU B 2 13.52 33.21 44.66
N LEU B 3 13.69 32.55 43.51
CA LEU B 3 13.03 32.94 42.27
C LEU B 3 12.23 31.81 41.72
N THR B 4 10.97 32.07 41.38
CA THR B 4 10.16 31.06 40.68
C THR B 4 10.09 31.43 39.22
N ILE B 5 10.52 30.51 38.35
CA ILE B 5 10.41 30.70 36.92
C ILE B 5 9.27 29.83 36.42
N LEU B 6 8.26 30.49 35.82
CA LEU B 6 7.17 29.81 35.13
C LEU B 6 7.50 29.95 33.65
N HIS B 7 7.42 28.85 32.89
CA HIS B 7 7.83 28.96 31.51
C HIS B 7 7.04 28.10 30.55
N THR B 8 6.71 28.71 29.40
CA THR B 8 6.08 28.00 28.28
C THR B 8 7.00 28.09 27.05
N ASN B 9 6.86 27.15 26.12
CA ASN B 9 7.60 27.15 24.85
C ASN B 9 6.79 26.35 23.82
N ASP B 10 6.95 26.70 22.53
CA ASP B 10 6.29 25.99 21.44
C ASP B 10 4.79 25.85 21.64
N VAL B 11 4.11 26.92 22.11
CA VAL B 11 2.66 26.89 22.35
C VAL B 11 1.93 26.61 21.02
N HIS B 12 2.47 27.15 19.90
CA HIS B 12 1.99 26.92 18.56
C HIS B 12 0.49 27.09 18.39
N SER B 13 -0.02 28.29 18.69
CA SER B 13 -1.41 28.68 18.50
C SER B 13 -2.42 27.85 19.24
N ARG B 14 -2.01 27.14 20.29
CA ARG B 14 -2.94 26.39 21.12
C ARG B 14 -3.60 27.36 22.14
N LEU B 15 -4.33 28.39 21.62
CA LEU B 15 -5.00 29.40 22.47
C LEU B 15 -6.14 28.77 23.23
N GLU B 16 -6.83 27.80 22.59
CA GLU B 16 -7.89 27.07 23.25
C GLU B 16 -7.33 25.78 23.80
N GLN B 17 -8.00 25.22 24.78
CA GLN B 17 -7.68 23.90 25.32
C GLN B 17 -7.78 22.89 24.17
N THR B 18 -7.05 21.78 24.28
CA THR B 18 -6.95 20.80 23.20
C THR B 18 -7.12 19.40 23.77
N SER B 19 -7.09 18.38 22.88
CA SER B 19 -7.11 16.97 23.30
C SER B 19 -5.71 16.74 23.91
N GLU B 20 -5.47 15.62 24.63
CA GLU B 20 -4.13 15.37 25.21
C GLU B 20 -2.97 15.33 24.18
N ASP B 21 -3.26 14.96 22.91
CA ASP B 21 -2.29 14.89 21.79
C ASP B 21 -2.18 16.25 21.11
N SER B 22 -2.85 17.24 21.73
CA SER B 22 -2.87 18.64 21.39
C SER B 22 -3.57 18.98 20.07
N SER B 23 -4.48 18.09 19.62
CA SER B 23 -5.34 18.30 18.45
C SER B 23 -6.66 18.93 18.99
N LYS B 24 -7.60 19.35 18.11
CA LYS B 24 -8.86 20.03 18.48
C LYS B 24 -9.52 19.41 19.70
N CYS B 25 -9.95 20.24 20.63
CA CYS B 25 -10.64 19.73 21.80
C CYS B 25 -12.05 19.34 21.38
N VAL B 26 -12.43 18.06 21.59
CA VAL B 26 -13.77 17.55 21.25
C VAL B 26 -14.52 17.16 22.54
N ASP B 27 -13.91 16.29 23.36
CA ASP B 27 -14.43 15.82 24.65
C ASP B 27 -13.82 16.73 25.72
N ALA B 28 -14.50 17.88 25.98
CA ALA B 28 -14.08 18.96 26.88
C ALA B 28 -13.64 18.52 28.28
N SER B 29 -14.33 17.50 28.85
CA SER B 29 -14.04 16.96 30.19
C SER B 29 -12.61 16.42 30.34
N ARG B 30 -11.96 16.08 29.23
CA ARG B 30 -10.61 15.50 29.20
C ARG B 30 -9.61 16.40 28.50
N CYS B 31 -10.06 17.62 28.13
CA CYS B 31 -9.20 18.58 27.45
C CYS B 31 -8.22 19.26 28.40
N MET B 32 -7.11 19.74 27.83
CA MET B 32 -5.97 20.29 28.54
C MET B 32 -5.43 21.55 27.89
N GLY B 33 -4.60 22.32 28.62
CA GLY B 33 -3.97 23.51 28.09
C GLY B 33 -4.92 24.64 27.79
N GLY B 34 -4.52 25.51 26.88
CA GLY B 34 -5.25 26.71 26.49
C GLY B 34 -4.78 27.84 27.39
N VAL B 35 -4.94 29.11 26.94
CA VAL B 35 -4.51 30.27 27.74
C VAL B 35 -5.41 30.51 28.95
N ALA B 36 -6.73 30.16 28.84
CA ALA B 36 -7.67 30.37 29.95
C ALA B 36 -7.26 29.57 31.21
N ARG B 37 -6.82 28.33 31.01
CA ARG B 37 -6.37 27.41 32.05
C ARG B 37 -5.00 27.84 32.54
N LEU B 38 -4.08 28.20 31.61
CA LEU B 38 -2.74 28.68 31.97
C LEU B 38 -2.83 29.90 32.91
N PHE B 39 -3.73 30.85 32.60
CA PHE B 39 -3.92 32.03 33.43
C PHE B 39 -4.30 31.60 34.86
N THR B 40 -5.22 30.63 35.02
CA THR B 40 -5.63 30.18 36.38
C THR B 40 -4.41 29.70 37.19
N LYS B 41 -3.59 28.83 36.57
CA LYS B 41 -2.42 28.26 37.23
C LYS B 41 -1.36 29.35 37.57
N VAL B 42 -1.12 30.28 36.64
CA VAL B 42 -0.15 31.35 36.84
C VAL B 42 -0.58 32.20 38.02
N GLN B 43 -1.86 32.60 38.06
CA GLN B 43 -2.39 33.41 39.14
C GLN B 43 -2.28 32.74 40.52
N GLN B 44 -2.47 31.38 40.59
CA GLN B 44 -2.33 30.58 41.81
C GLN B 44 -0.91 30.65 42.33
N ILE B 45 0.09 30.67 41.40
CA ILE B 45 1.51 30.72 41.79
C ILE B 45 1.91 32.14 42.19
N ARG B 46 1.51 33.16 41.41
CA ARG B 46 1.84 34.56 41.72
C ARG B 46 1.24 34.99 43.04
N ARG B 47 0.13 34.40 43.46
CA ARG B 47 -0.43 34.83 44.72
C ARG B 47 0.27 34.16 45.90
N ALA B 48 0.97 33.04 45.69
CA ALA B 48 1.68 32.26 46.72
C ALA B 48 3.17 32.62 46.84
N GLU B 49 3.84 32.92 45.72
CA GLU B 49 5.28 33.18 45.70
C GLU B 49 5.56 34.64 45.39
N PRO B 50 6.52 35.26 46.11
CA PRO B 50 6.79 36.69 45.88
C PRO B 50 7.57 37.03 44.63
N ASN B 51 8.59 36.22 44.29
CA ASN B 51 9.45 36.51 43.15
C ASN B 51 9.17 35.56 41.99
N VAL B 52 8.32 35.98 41.06
CA VAL B 52 7.84 35.12 39.97
C VAL B 52 8.01 35.78 38.61
N LEU B 53 8.60 35.05 37.67
CA LEU B 53 8.74 35.45 36.26
C LEU B 53 7.98 34.48 35.36
N LEU B 54 7.31 35.02 34.36
CA LEU B 54 6.58 34.18 33.38
C LEU B 54 7.27 34.41 32.09
N LEU B 55 7.91 33.36 31.59
CA LEU B 55 8.71 33.45 30.39
C LEU B 55 8.26 32.55 29.28
N ASP B 56 8.43 32.99 28.03
CA ASP B 56 8.11 32.16 26.86
C ASP B 56 9.38 32.00 26.01
N ALA B 57 9.74 30.76 25.68
CA ALA B 57 10.92 30.44 24.87
C ALA B 57 10.64 30.29 23.37
N GLY B 58 9.61 30.98 22.88
CA GLY B 58 9.34 31.10 21.46
C GLY B 58 8.40 30.09 20.85
N ASP B 59 8.06 30.34 19.58
CA ASP B 59 7.19 29.46 18.80
C ASP B 59 5.74 29.50 19.30
N GLN B 60 5.27 30.72 19.61
CA GLN B 60 3.88 31.02 19.92
C GLN B 60 3.17 31.02 18.54
N TYR B 61 3.85 31.52 17.49
CA TYR B 61 3.35 31.57 16.12
C TYR B 61 3.18 30.21 15.49
N GLN B 62 2.11 30.07 14.66
CA GLN B 62 1.76 28.94 13.81
C GLN B 62 1.31 27.68 14.52
N GLY B 63 0.19 27.09 14.07
CA GLY B 63 -0.27 25.81 14.58
C GLY B 63 -1.75 25.52 14.41
N THR B 64 -2.58 26.55 14.48
CA THR B 64 -4.04 26.43 14.36
C THR B 64 -4.58 27.60 13.59
N ILE B 65 -5.89 27.52 13.26
CA ILE B 65 -6.63 28.53 12.53
CA ILE B 65 -6.59 28.56 12.49
C ILE B 65 -6.60 29.90 13.23
N TRP B 66 -6.30 29.90 14.54
CA TRP B 66 -6.19 31.14 15.34
C TRP B 66 -5.13 32.04 14.71
N PHE B 67 -3.99 31.44 14.32
CA PHE B 67 -2.88 32.11 13.67
C PHE B 67 -3.15 32.40 12.22
N THR B 68 -3.83 31.49 11.51
CA THR B 68 -4.16 31.65 10.09
C THR B 68 -4.97 32.92 9.91
N VAL B 69 -5.97 33.10 10.80
CA VAL B 69 -6.89 34.22 10.79
C VAL B 69 -6.32 35.48 11.48
N TYR B 70 -5.79 35.36 12.71
CA TYR B 70 -5.33 36.54 13.46
C TYR B 70 -3.86 36.93 13.24
N LYS B 71 -3.05 36.04 12.66
CA LYS B 71 -1.67 36.32 12.24
C LYS B 71 -0.75 36.97 13.31
N GLY B 72 -0.93 36.60 14.57
CA GLY B 72 -0.10 37.12 15.66
C GLY B 72 -0.80 38.09 16.58
N ALA B 73 -1.94 38.68 16.15
CA ALA B 73 -2.70 39.64 16.97
C ALA B 73 -3.28 38.95 18.20
N GLU B 74 -3.61 37.66 18.07
CA GLU B 74 -4.12 36.82 19.16
C GLU B 74 -2.99 36.53 20.16
N VAL B 75 -1.74 36.36 19.67
CA VAL B 75 -0.54 36.11 20.50
C VAL B 75 -0.27 37.32 21.38
N ALA B 76 -0.14 38.50 20.77
CA ALA B 76 0.08 39.75 21.53
C ALA B 76 -1.02 39.92 22.58
N HIS B 77 -2.29 39.83 22.15
CA HIS B 77 -3.43 40.02 23.02
C HIS B 77 -3.48 39.08 24.25
N PHE B 78 -3.34 37.75 24.04
CA PHE B 78 -3.44 36.79 25.13
C PHE B 78 -2.16 36.70 25.97
N MET B 79 -0.97 36.88 25.37
CA MET B 79 0.27 36.95 26.19
C MET B 79 0.28 38.20 27.07
N ASN B 80 -0.32 39.30 26.57
CA ASN B 80 -0.45 40.55 27.32
C ASN B 80 -1.42 40.35 28.48
N ALA B 81 -2.56 39.67 28.22
CA ALA B 81 -3.61 39.36 29.19
C ALA B 81 -3.04 38.46 30.32
N LEU B 82 -2.09 37.58 29.96
CA LEU B 82 -1.46 36.68 30.92
C LEU B 82 -0.26 37.35 31.64
N ARG B 83 0.10 38.54 31.16
CA ARG B 83 1.16 39.35 31.70
C ARG B 83 2.52 38.64 31.68
N TYR B 84 2.95 38.11 30.51
CA TYR B 84 4.29 37.53 30.39
C TYR B 84 5.32 38.60 30.75
N ASP B 85 6.45 38.17 31.31
CA ASP B 85 7.48 39.12 31.69
C ASP B 85 8.48 39.24 30.54
N ALA B 86 8.67 38.16 29.77
CA ALA B 86 9.60 38.19 28.62
C ALA B 86 9.34 37.04 27.70
N MET B 87 9.67 37.18 26.42
CA MET B 87 9.55 36.14 25.39
C MET B 87 10.81 36.19 24.51
N ALA B 88 11.36 35.02 24.14
CA ALA B 88 12.47 34.87 23.21
C ALA B 88 11.87 34.61 21.85
N LEU B 89 12.48 35.12 20.79
CA LEU B 89 11.95 34.88 19.45
C LEU B 89 12.27 33.44 19.02
N GLY B 90 11.28 32.69 18.53
CA GLY B 90 11.46 31.36 17.96
C GLY B 90 11.48 31.45 16.46
N ASN B 91 11.84 30.34 15.74
CA ASN B 91 11.87 30.32 14.27
C ASN B 91 10.52 30.62 13.64
N HIS B 92 9.39 30.17 14.28
CA HIS B 92 8.05 30.36 13.75
C HIS B 92 7.55 31.82 13.81
N GLU B 93 8.17 32.68 14.63
CA GLU B 93 7.85 34.13 14.67
C GLU B 93 8.17 34.84 13.35
N PHE B 94 8.92 34.16 12.44
CA PHE B 94 9.34 34.68 11.14
C PHE B 94 8.54 34.06 9.96
N ASP B 95 7.55 33.18 10.25
CA ASP B 95 6.73 32.50 9.22
C ASP B 95 6.01 33.47 8.25
N ASN B 96 5.60 34.66 8.75
CA ASN B 96 4.91 35.67 7.91
C ASN B 96 5.85 36.83 7.55
N GLY B 97 7.15 36.49 7.54
CA GLY B 97 8.22 37.44 7.27
C GLY B 97 8.39 38.41 8.41
N VAL B 98 9.40 39.32 8.32
CA VAL B 98 9.66 40.34 9.34
C VAL B 98 8.46 41.25 9.51
N GLU B 99 7.80 41.67 8.39
CA GLU B 99 6.59 42.51 8.45
C GLU B 99 5.46 41.84 9.26
N GLY B 100 5.44 40.51 9.28
CA GLY B 100 4.45 39.71 10.01
C GLY B 100 4.82 39.46 11.46
N LEU B 101 6.04 39.85 11.83
CA LEU B 101 6.55 39.77 13.21
C LEU B 101 6.41 41.13 13.86
N ILE B 102 6.86 42.17 13.14
CA ILE B 102 6.90 43.56 13.57
C ILE B 102 5.52 44.11 13.87
N GLU B 103 4.59 44.08 12.87
CA GLU B 103 3.29 44.73 12.97
C GLU B 103 2.35 44.13 14.01
N PRO B 104 1.98 42.81 13.99
CA PRO B 104 1.07 42.33 15.03
C PRO B 104 1.72 42.02 16.39
N LEU B 105 3.00 41.59 16.44
CA LEU B 105 3.56 41.18 17.72
C LEU B 105 4.53 42.17 18.34
N LEU B 106 5.66 42.48 17.67
CA LEU B 106 6.64 43.41 18.26
C LEU B 106 6.05 44.78 18.66
N LYS B 107 5.10 45.30 17.86
CA LYS B 107 4.46 46.58 18.12
C LYS B 107 3.36 46.54 19.19
N GLU B 108 2.79 45.36 19.44
CA GLU B 108 1.68 45.23 20.37
C GLU B 108 2.03 44.53 21.68
N ALA B 109 3.15 43.79 21.75
CA ALA B 109 3.58 43.12 22.99
C ALA B 109 3.88 44.13 24.09
N LYS B 110 3.33 43.93 25.31
CA LYS B 110 3.54 44.83 26.44
C LYS B 110 4.70 44.32 27.32
N PHE B 111 5.49 43.40 26.79
CA PHE B 111 6.62 42.76 27.44
C PHE B 111 7.82 42.72 26.49
N PRO B 112 9.08 42.70 27.00
CA PRO B 112 10.22 42.67 26.08
C PRO B 112 10.28 41.38 25.25
N ILE B 113 10.66 41.51 23.98
CA ILE B 113 10.84 40.38 23.07
C ILE B 113 12.31 40.33 22.77
N LEU B 114 12.92 39.15 23.01
CA LEU B 114 14.37 39.04 23.03
C LEU B 114 15.01 38.11 22.04
N SER B 115 16.24 38.46 21.63
CA SER B 115 17.14 37.69 20.80
C SER B 115 18.46 38.43 20.62
N ALA B 116 19.50 37.95 21.32
CA ALA B 116 20.83 38.53 21.26
C ALA B 116 21.60 38.15 20.01
N ASN B 117 21.23 37.05 19.33
CA ASN B 117 21.98 36.62 18.13
C ASN B 117 21.35 37.00 16.78
N ILE B 118 20.29 37.83 16.77
CA ILE B 118 19.69 38.28 15.51
C ILE B 118 20.13 39.72 15.26
N LYS B 119 20.80 39.96 14.11
CA LYS B 119 21.28 41.31 13.80
C LYS B 119 20.65 41.83 12.52
N ALA B 120 20.16 43.07 12.54
CA ALA B 120 19.51 43.64 11.35
C ALA B 120 20.43 44.51 10.51
N LYS B 121 20.45 44.26 9.19
CA LYS B 121 21.26 45.04 8.26
C LYS B 121 20.34 45.75 7.26
N GLY B 122 20.92 46.42 6.27
CA GLY B 122 20.18 47.14 5.23
C GLY B 122 19.19 48.16 5.77
N PRO B 123 18.14 48.49 4.98
CA PRO B 123 17.14 49.47 5.45
C PRO B 123 16.27 49.03 6.66
N LEU B 124 16.13 47.71 6.89
CA LEU B 124 15.34 47.13 7.98
C LEU B 124 15.83 47.50 9.40
N ALA B 125 17.16 47.67 9.58
CA ALA B 125 17.80 48.01 10.86
C ALA B 125 17.15 49.17 11.59
N SER B 126 16.78 50.24 10.85
CA SER B 126 16.13 51.43 11.41
C SER B 126 14.67 51.16 11.77
N GLN B 127 13.96 50.33 10.97
CA GLN B 127 12.56 49.94 11.17
C GLN B 127 12.39 49.10 12.44
N ILE B 128 13.19 48.04 12.58
CA ILE B 128 13.11 47.10 13.72
C ILE B 128 13.92 47.57 14.97
N SER B 129 14.66 48.69 14.85
CA SER B 129 15.45 49.28 15.94
C SER B 129 14.64 49.40 17.23
N GLY B 130 15.08 48.67 18.27
CA GLY B 130 14.46 48.64 19.59
C GLY B 130 13.17 47.85 19.74
N LEU B 131 12.69 47.17 18.67
CA LEU B 131 11.44 46.41 18.74
C LEU B 131 11.60 45.05 19.40
N TYR B 132 12.82 44.49 19.35
CA TYR B 132 13.25 43.29 20.04
C TYR B 132 14.60 43.69 20.65
N LEU B 133 15.05 43.03 21.71
CA LEU B 133 16.30 43.43 22.38
C LEU B 133 17.24 42.23 22.63
N PRO B 134 18.55 42.44 22.89
CA PRO B 134 19.42 41.28 23.20
C PRO B 134 19.11 40.73 24.59
N TYR B 135 18.72 41.62 25.51
CA TYR B 135 18.44 41.27 26.90
C TYR B 135 17.47 42.25 27.51
N LYS B 136 16.92 41.91 28.65
CA LYS B 136 16.16 42.86 29.47
C LYS B 136 16.52 42.62 30.93
N VAL B 137 16.71 43.70 31.69
CA VAL B 137 17.01 43.60 33.10
C VAL B 137 15.69 43.85 33.79
N LEU B 138 15.16 42.84 34.45
CA LEU B 138 13.88 42.98 35.08
C LEU B 138 13.96 43.08 36.60
N PRO B 139 13.26 44.04 37.21
CA PRO B 139 13.19 44.06 38.67
C PRO B 139 12.24 42.95 39.15
N VAL B 140 12.69 42.19 40.17
CA VAL B 140 11.92 41.11 40.79
C VAL B 140 12.13 41.40 42.28
N GLY B 141 11.11 42.02 42.88
CA GLY B 141 11.15 42.47 44.27
C GLY B 141 12.20 43.57 44.40
N ASP B 142 13.16 43.38 45.31
CA ASP B 142 14.27 44.28 45.54
C ASP B 142 15.52 43.84 44.78
N GLU B 143 15.36 42.84 43.92
CA GLU B 143 16.46 42.33 43.12
C GLU B 143 16.20 42.65 41.66
N VAL B 144 17.17 42.32 40.84
CA VAL B 144 17.16 42.55 39.41
C VAL B 144 17.60 41.24 38.77
N VAL B 145 16.88 40.80 37.73
CA VAL B 145 17.21 39.59 37.01
C VAL B 145 17.41 39.93 35.52
N GLY B 146 18.56 39.53 34.99
CA GLY B 146 18.88 39.71 33.58
C GLY B 146 18.40 38.55 32.76
N ILE B 147 17.68 38.83 31.68
CA ILE B 147 17.22 37.79 30.76
C ILE B 147 17.80 38.08 29.40
N VAL B 148 18.54 37.13 28.86
CA VAL B 148 19.19 37.26 27.58
C VAL B 148 18.62 36.19 26.60
N GLY B 149 18.20 36.64 25.42
CA GLY B 149 17.52 35.75 24.45
C GLY B 149 18.35 35.20 23.32
N TYR B 150 17.87 34.11 22.70
CA TYR B 150 18.51 33.51 21.55
C TYR B 150 17.50 32.78 20.68
N THR B 151 17.76 32.73 19.38
CA THR B 151 16.90 32.13 18.36
C THR B 151 17.77 31.23 17.49
N SER B 152 17.24 30.02 17.15
CA SER B 152 17.94 29.05 16.31
C SER B 152 18.58 29.70 15.09
N LYS B 153 19.84 29.34 14.85
CA LYS B 153 20.71 29.79 13.77
C LYS B 153 20.14 29.22 12.46
N GLU B 154 19.28 28.21 12.57
CA GLU B 154 18.69 27.48 11.47
C GLU B 154 17.46 28.14 10.87
N THR B 155 16.83 29.10 11.58
CA THR B 155 15.65 29.86 11.16
C THR B 155 15.67 30.19 9.63
N PRO B 156 16.76 30.73 8.98
CA PRO B 156 16.67 30.96 7.52
C PRO B 156 16.26 29.75 6.66
N PHE B 157 16.46 28.50 7.17
CA PHE B 157 16.15 27.26 6.45
C PHE B 157 14.84 26.65 6.94
N LEU B 158 14.20 27.30 7.91
CA LEU B 158 12.95 26.78 8.51
C LEU B 158 11.83 27.79 8.41
N SER B 159 12.15 29.06 8.10
CA SER B 159 11.16 30.13 8.12
C SER B 159 11.39 31.17 7.07
N ASN B 160 10.82 32.36 7.23
CA ASN B 160 11.01 33.44 6.25
C ASN B 160 11.57 34.76 6.94
N PRO B 161 12.77 34.77 7.58
CA PRO B 161 13.25 36.01 8.23
C PRO B 161 13.69 37.13 7.29
N GLY B 162 13.84 36.80 6.02
CA GLY B 162 14.29 37.74 5.00
C GLY B 162 15.80 37.78 4.92
N THR B 163 16.34 38.63 4.03
CA THR B 163 17.79 38.75 3.80
C THR B 163 18.48 39.80 4.67
N ASN B 164 17.71 40.71 5.28
CA ASN B 164 18.22 41.80 6.13
C ASN B 164 18.36 41.44 7.61
N LEU B 165 18.29 40.14 7.95
CA LEU B 165 18.54 39.61 9.29
C LEU B 165 19.66 38.57 9.23
N VAL B 166 20.66 38.73 10.11
CA VAL B 166 21.78 37.78 10.21
C VAL B 166 21.64 37.01 11.52
N PHE B 167 21.68 35.68 11.45
CA PHE B 167 21.56 34.76 12.59
C PHE B 167 22.94 34.33 12.98
N GLU B 168 23.47 34.91 14.06
CA GLU B 168 24.83 34.60 14.52
C GLU B 168 24.77 33.35 15.38
N ASP B 169 25.95 32.77 15.66
CA ASP B 169 26.12 31.63 16.56
C ASP B 169 25.65 32.11 17.93
N GLU B 170 24.78 31.34 18.58
CA GLU B 170 24.19 31.66 19.88
C GLU B 170 25.24 31.98 20.94
N ILE B 171 26.20 31.08 21.14
CA ILE B 171 27.26 31.23 22.16
C ILE B 171 28.08 32.49 21.91
N THR B 172 28.51 32.71 20.66
CA THR B 172 29.29 33.88 20.25
C THR B 172 28.53 35.17 20.54
N ALA B 173 27.22 35.17 20.25
CA ALA B 173 26.39 36.35 20.45
C ALA B 173 26.04 36.60 21.89
N LEU B 174 25.84 35.54 22.67
CA LEU B 174 25.44 35.67 24.07
C LEU B 174 26.55 36.15 24.98
N GLN B 175 27.78 35.64 24.80
CA GLN B 175 28.88 36.03 25.67
C GLN B 175 29.04 37.55 25.85
N PRO B 176 29.12 38.41 24.80
CA PRO B 176 29.25 39.86 25.07
C PRO B 176 28.09 40.45 25.86
N GLU B 177 26.86 39.95 25.65
CA GLU B 177 25.68 40.44 26.37
C GLU B 177 25.70 40.09 27.89
N VAL B 178 26.10 38.85 28.22
CA VAL B 178 26.21 38.40 29.60
C VAL B 178 27.31 39.22 30.27
N ASP B 179 28.44 39.44 29.59
CA ASP B 179 29.56 40.22 30.12
C ASP B 179 29.15 41.68 30.44
N LYS B 180 28.30 42.28 29.58
CA LYS B 180 27.79 43.66 29.75
C LYS B 180 26.91 43.71 31.01
N LEU B 181 26.06 42.68 31.18
CA LEU B 181 25.18 42.56 32.34
C LEU B 181 25.99 42.44 33.62
N LYS B 182 27.12 41.72 33.62
CA LYS B 182 27.99 41.55 34.78
C LYS B 182 28.63 42.87 35.18
N THR B 183 29.02 43.72 34.19
CA THR B 183 29.60 45.05 34.44
C THR B 183 28.53 45.99 35.00
N LEU B 184 27.25 45.74 34.65
CA LEU B 184 26.10 46.50 35.14
C LEU B 184 25.64 45.93 36.49
N ASN B 185 26.48 45.06 37.10
CA ASN B 185 26.27 44.39 38.40
C ASN B 185 24.91 43.71 38.51
N VAL B 186 24.55 42.97 37.45
CA VAL B 186 23.36 42.13 37.37
C VAL B 186 23.98 40.75 37.60
N ASN B 187 23.78 40.18 38.81
CA ASN B 187 24.44 38.94 39.20
C ASN B 187 23.62 37.68 38.93
N LYS B 188 22.34 37.81 38.54
CA LYS B 188 21.45 36.68 38.23
C LYS B 188 21.05 36.76 36.75
N ILE B 189 21.42 35.72 35.97
CA ILE B 189 21.21 35.70 34.52
C ILE B 189 20.55 34.41 34.01
N ILE B 190 19.45 34.60 33.27
CA ILE B 190 18.69 33.54 32.64
C ILE B 190 18.86 33.69 31.13
N ALA B 191 19.25 32.60 30.47
CA ALA B 191 19.35 32.54 29.00
C ALA B 191 18.01 31.92 28.59
N LEU B 192 17.16 32.71 27.92
CA LEU B 192 15.85 32.29 27.45
C LEU B 192 15.90 32.24 25.92
N GLY B 193 15.74 31.06 25.34
CA GLY B 193 15.82 31.03 23.90
C GLY B 193 15.25 29.82 23.19
N HIS B 194 15.32 29.89 21.86
CA HIS B 194 14.73 28.86 21.03
C HIS B 194 15.70 28.19 20.11
N SER B 195 16.55 27.29 20.60
CA SER B 195 17.48 26.59 19.67
C SER B 195 17.48 25.07 19.81
N GLY B 196 16.73 24.56 20.79
CA GLY B 196 16.68 23.12 21.03
C GLY B 196 17.56 22.72 22.19
N PHE B 197 17.18 21.62 22.83
CA PHE B 197 17.80 21.06 24.03
C PHE B 197 19.32 20.91 23.94
N GLU B 198 19.86 20.49 22.78
CA GLU B 198 21.30 20.29 22.64
C GLU B 198 22.09 21.59 22.69
N MET B 199 21.58 22.67 22.07
CA MET B 199 22.18 24.01 22.11
C MET B 199 22.05 24.62 23.51
N ASP B 200 20.90 24.36 24.18
CA ASP B 200 20.60 24.82 25.55
C ASP B 200 21.67 24.27 26.49
N LYS B 201 22.04 23.00 26.30
CA LYS B 201 23.07 22.38 27.10
C LYS B 201 24.43 22.96 26.87
N LEU B 202 24.73 23.33 25.61
CA LEU B 202 25.98 23.96 25.16
C LEU B 202 26.09 25.36 25.73
N ILE B 203 24.99 26.12 25.66
CA ILE B 203 24.86 27.47 26.24
C ILE B 203 25.16 27.42 27.73
N ALA B 204 24.55 26.46 28.46
CA ALA B 204 24.75 26.24 29.89
C ALA B 204 26.21 25.95 30.24
N GLN B 205 26.89 25.18 29.40
CA GLN B 205 28.27 24.78 29.57
C GLN B 205 29.29 25.87 29.25
N LYS B 206 29.07 26.62 28.17
CA LYS B 206 30.06 27.53 27.61
C LYS B 206 29.82 29.02 27.79
N VAL B 207 28.58 29.48 28.02
CA VAL B 207 28.41 30.93 28.21
C VAL B 207 28.64 31.28 29.68
N ARG B 208 29.86 31.82 30.01
CA ARG B 208 30.25 32.23 31.38
C ARG B 208 29.26 33.22 31.97
N GLY B 209 28.72 32.91 33.13
CA GLY B 209 27.78 33.79 33.82
C GLY B 209 26.31 33.44 33.71
N VAL B 210 25.96 32.50 32.85
CA VAL B 210 24.56 32.07 32.71
C VAL B 210 24.21 31.17 33.91
N ASP B 211 23.14 31.51 34.63
CA ASP B 211 22.72 30.72 35.78
C ASP B 211 21.71 29.65 35.48
N VAL B 212 20.78 29.93 34.55
CA VAL B 212 19.67 29.06 34.18
C VAL B 212 19.48 29.22 32.68
N VAL B 213 19.09 28.12 32.00
CA VAL B 213 18.76 28.09 30.58
C VAL B 213 17.31 27.60 30.50
N VAL B 214 16.44 28.38 29.84
CA VAL B 214 15.01 28.06 29.64
C VAL B 214 14.83 27.92 28.11
N GLY B 215 14.64 26.71 27.62
CA GLY B 215 14.60 26.51 26.17
C GLY B 215 13.31 26.09 25.51
N GLY B 216 13.45 25.74 24.24
CA GLY B 216 12.34 25.32 23.40
C GLY B 216 12.87 24.64 22.18
N HIS B 217 12.03 24.62 21.12
CA HIS B 217 12.36 24.10 19.78
C HIS B 217 12.41 22.60 19.66
N SER B 218 12.92 21.94 20.70
CA SER B 218 13.01 20.48 20.60
C SER B 218 11.81 19.80 21.24
N ASN B 219 10.88 20.59 21.80
CA ASN B 219 9.70 20.08 22.50
C ASN B 219 10.13 19.07 23.58
N THR B 220 11.23 19.34 24.28
CA THR B 220 11.79 18.43 25.28
C THR B 220 10.89 18.39 26.50
N PHE B 221 10.57 17.18 26.94
CA PHE B 221 9.79 16.97 28.14
C PHE B 221 10.76 16.46 29.19
N LEU B 222 10.94 17.21 30.24
CA LEU B 222 11.83 16.80 31.33
C LEU B 222 10.96 16.59 32.56
N TYR B 223 11.25 15.56 33.36
CA TYR B 223 10.47 15.30 34.58
C TYR B 223 11.29 14.60 35.65
N THR B 224 11.06 14.99 36.92
CA THR B 224 11.62 14.33 38.11
C THR B 224 10.49 13.51 38.77
N GLY B 225 10.60 12.19 38.73
CA GLY B 225 9.60 11.29 39.31
C GLY B 225 8.72 10.66 38.25
N ASN B 226 7.51 10.22 38.65
CA ASN B 226 6.56 9.58 37.75
C ASN B 226 5.84 10.59 36.90
N PRO B 227 5.96 10.54 35.53
CA PRO B 227 5.29 11.55 34.68
C PRO B 227 3.76 11.49 34.73
N PRO B 228 3.05 12.64 34.68
CA PRO B 228 1.58 12.61 34.82
C PRO B 228 0.79 12.27 33.55
N SER B 229 1.43 12.32 32.35
CA SER B 229 0.72 12.05 31.11
C SER B 229 1.45 11.05 30.19
N LYS B 230 1.28 11.16 28.86
CA LYS B 230 1.88 10.24 27.88
C LYS B 230 3.31 10.63 27.44
N GLU B 231 3.75 11.88 27.70
CA GLU B 231 5.09 12.35 27.35
C GLU B 231 6.12 11.64 28.22
N VAL B 232 7.15 11.10 27.58
CA VAL B 232 8.22 10.31 28.18
C VAL B 232 9.39 11.26 28.43
N PRO B 233 9.92 11.35 29.66
CA PRO B 233 11.00 12.30 29.91
C PRO B 233 12.31 11.95 29.24
N ALA B 234 13.01 12.97 28.76
CA ALA B 234 14.32 12.88 28.15
C ALA B 234 15.41 12.89 29.24
N GLY B 235 15.04 13.34 30.43
CA GLY B 235 15.93 13.46 31.58
C GLY B 235 15.18 14.07 32.73
N LYS B 236 15.90 14.35 33.84
CA LYS B 236 15.31 14.95 35.04
C LYS B 236 14.96 16.40 34.84
N TYR B 237 14.04 16.93 35.67
CA TYR B 237 13.68 18.33 35.63
C TYR B 237 14.11 18.96 36.98
N PRO B 238 15.05 19.93 36.97
CA PRO B 238 15.79 20.45 35.80
C PRO B 238 16.88 19.48 35.32
N PHE B 239 17.39 19.68 34.11
CA PHE B 239 18.51 18.87 33.62
C PHE B 239 19.76 19.65 34.04
N ILE B 240 20.69 19.00 34.76
CA ILE B 240 21.87 19.69 35.27
C ILE B 240 23.08 19.55 34.33
N VAL B 241 23.65 20.69 33.91
CA VAL B 241 24.86 20.78 33.09
C VAL B 241 26.00 21.29 33.98
N THR B 242 27.19 20.68 33.89
CA THR B 242 28.37 21.14 34.61
C THR B 242 29.10 22.06 33.63
N SER B 243 29.12 23.37 33.92
CA SER B 243 29.74 24.37 33.05
C SER B 243 31.24 24.25 33.00
N ASP B 244 31.86 24.83 31.96
CA ASP B 244 33.30 24.87 31.82
C ASP B 244 33.99 25.68 32.96
N ASP B 245 33.26 26.64 33.61
CA ASP B 245 33.81 27.42 34.74
C ASP B 245 33.45 26.76 36.12
N GLY B 246 33.07 25.48 36.05
CA GLY B 246 32.80 24.60 37.18
C GLY B 246 31.53 24.77 37.98
N ARG B 247 30.45 25.26 37.35
CA ARG B 247 29.18 25.48 38.05
C ARG B 247 28.11 24.48 37.61
N LYS B 248 27.10 24.26 38.45
CA LYS B 248 25.98 23.42 38.12
C LYS B 248 24.91 24.33 37.56
N VAL B 249 24.54 24.14 36.29
CA VAL B 249 23.57 24.99 35.58
C VAL B 249 22.29 24.25 35.22
N PRO B 250 21.13 24.61 35.83
CA PRO B 250 19.87 23.93 35.46
C PRO B 250 19.39 24.35 34.08
N VAL B 251 18.96 23.37 33.30
CA VAL B 251 18.44 23.53 31.95
C VAL B 251 16.99 23.00 32.01
N VAL B 252 16.03 23.81 31.59
CA VAL B 252 14.63 23.39 31.61
C VAL B 252 13.94 23.58 30.27
N GLN B 253 12.90 22.81 30.04
CA GLN B 253 12.03 22.89 28.87
C GLN B 253 10.65 22.40 29.30
N ALA B 254 9.57 22.80 28.60
CA ALA B 254 8.24 22.36 29.03
C ALA B 254 7.38 21.78 27.93
N TYR B 255 7.94 20.79 27.18
CA TYR B 255 7.25 20.10 26.10
C TYR B 255 6.77 21.10 25.03
N ALA B 256 5.47 21.23 24.78
CA ALA B 256 4.93 22.12 23.76
C ALA B 256 3.42 22.16 23.85
N PHE B 257 2.79 23.00 23.01
CA PHE B 257 1.34 23.13 22.82
C PHE B 257 0.54 23.62 24.03
N GLY B 258 1.24 24.25 25.02
CA GLY B 258 0.63 24.78 26.22
C GLY B 258 0.06 23.72 27.14
N LYS B 259 0.46 22.43 26.97
CA LYS B 259 -0.04 21.29 27.78
C LYS B 259 0.46 21.33 29.23
N TYR B 260 1.69 21.84 29.44
CA TYR B 260 2.30 21.98 30.75
C TYR B 260 2.76 23.41 30.97
N LEU B 261 2.87 23.79 32.24
CA LEU B 261 3.46 25.06 32.64
C LEU B 261 4.75 24.66 33.33
N GLY B 262 5.89 25.07 32.76
CA GLY B 262 7.16 24.76 33.42
C GLY B 262 7.25 25.50 34.73
N TYR B 263 7.82 24.88 35.77
CA TYR B 263 7.89 25.50 37.08
C TYR B 263 9.23 25.18 37.73
N LEU B 264 10.09 26.19 37.95
CA LEU B 264 11.36 25.95 38.59
C LEU B 264 11.59 26.95 39.67
N LYS B 265 11.82 26.47 40.90
CA LYS B 265 12.14 27.33 42.04
C LYS B 265 13.64 27.30 42.22
N ILE B 266 14.25 28.47 42.17
CA ILE B 266 15.70 28.62 42.32
C ILE B 266 16.04 29.36 43.59
N GLU B 267 17.06 28.85 44.29
CA GLU B 267 17.61 29.43 45.50
C GLU B 267 18.96 29.97 45.10
N PHE B 268 19.08 31.31 45.15
CA PHE B 268 20.30 32.01 44.82
C PHE B 268 20.90 32.49 46.12
N ASP B 269 22.22 32.72 46.15
CA ASP B 269 22.83 33.34 47.31
C ASP B 269 22.80 34.84 47.00
N GLU B 270 23.42 35.65 47.89
CA GLU B 270 23.50 37.09 47.78
C GLU B 270 24.28 37.58 46.57
N ARG B 271 25.24 36.75 46.09
CA ARG B 271 26.12 37.07 44.96
C ARG B 271 25.60 36.57 43.61
N GLY B 272 24.39 36.00 43.62
CA GLY B 272 23.70 35.53 42.44
C GLY B 272 24.02 34.12 42.00
N ASN B 273 24.74 33.35 42.82
CA ASN B 273 25.06 31.96 42.47
C ASN B 273 23.92 31.05 42.89
N VAL B 274 23.57 30.06 42.02
CA VAL B 274 22.51 29.08 42.28
C VAL B 274 23.00 28.09 43.36
N ILE B 275 22.29 28.01 44.48
CA ILE B 275 22.63 27.11 45.57
C ILE B 275 21.98 25.77 45.24
N SER B 276 20.71 25.84 44.79
CA SER B 276 19.89 24.68 44.43
C SER B 276 18.71 25.16 43.56
N SER B 277 18.02 24.20 42.95
CA SER B 277 16.83 24.40 42.13
C SER B 277 16.03 23.12 42.16
N HIS B 278 14.71 23.24 42.03
CA HIS B 278 13.79 22.11 41.99
C HIS B 278 12.49 22.57 41.35
N GLY B 279 11.74 21.60 40.85
CA GLY B 279 10.45 21.86 40.22
C GLY B 279 10.03 20.70 39.39
N ASN B 280 9.09 20.96 38.47
CA ASN B 280 8.55 20.02 37.48
C ASN B 280 7.56 20.78 36.60
N PRO B 281 7.34 20.34 35.34
CA PRO B 281 6.29 20.98 34.53
C PRO B 281 4.93 20.61 35.17
N ILE B 282 3.95 21.51 35.11
CA ILE B 282 2.63 21.26 35.72
C ILE B 282 1.65 20.94 34.60
N LEU B 283 1.01 19.77 34.69
CA LEU B 283 0.05 19.33 33.70
C LEU B 283 -1.21 20.19 33.81
N LEU B 284 -1.50 20.92 32.74
CA LEU B 284 -2.67 21.77 32.66
C LEU B 284 -3.86 20.95 32.21
N ASP B 285 -4.35 20.11 33.12
CA ASP B 285 -5.50 19.24 32.83
C ASP B 285 -6.76 19.83 33.47
N SER B 286 -7.92 19.16 33.25
CA SER B 286 -9.28 19.49 33.70
C SER B 286 -9.46 19.86 35.16
N SER B 287 -8.52 19.42 36.03
CA SER B 287 -8.62 19.73 37.46
C SER B 287 -8.32 21.21 37.72
N ILE B 288 -7.72 21.92 36.73
CA ILE B 288 -7.44 23.36 36.83
C ILE B 288 -8.57 24.05 36.06
N PRO B 289 -9.41 24.93 36.68
CA PRO B 289 -10.48 25.56 35.88
C PRO B 289 -9.94 26.59 34.89
N GLU B 290 -10.64 26.78 33.77
CA GLU B 290 -10.29 27.82 32.82
C GLU B 290 -10.73 29.13 33.43
N ASP B 291 -9.85 30.13 33.46
CA ASP B 291 -10.23 31.42 33.97
C ASP B 291 -11.48 31.93 33.23
N PRO B 292 -12.57 32.28 33.95
CA PRO B 292 -13.79 32.75 33.27
C PRO B 292 -13.60 34.00 32.39
N SER B 293 -12.80 34.99 32.83
CA SER B 293 -12.59 36.22 32.05
C SER B 293 -11.80 35.97 30.80
N ILE B 294 -10.70 35.20 30.89
CA ILE B 294 -9.89 34.84 29.73
C ILE B 294 -10.72 34.01 28.75
N LYS B 295 -11.47 33.00 29.25
CA LYS B 295 -12.33 32.12 28.43
C LYS B 295 -13.41 32.92 27.71
N ALA B 296 -14.02 33.92 28.39
CA ALA B 296 -15.05 34.77 27.78
C ALA B 296 -14.46 35.55 26.59
N ASP B 297 -13.23 36.04 26.77
CA ASP B 297 -12.45 36.77 25.78
C ASP B 297 -12.11 35.81 24.61
N ILE B 298 -11.58 34.60 24.92
CA ILE B 298 -11.29 33.57 23.93
C ILE B 298 -12.53 33.31 23.08
N ASN B 299 -13.71 33.13 23.74
CA ASN B 299 -14.99 32.89 23.05
C ASN B 299 -15.37 34.01 22.07
N LYS B 300 -15.13 35.28 22.47
CA LYS B 300 -15.37 36.49 21.67
C LYS B 300 -14.55 36.39 20.38
N TRP B 301 -13.25 36.05 20.49
CA TRP B 301 -12.34 35.89 19.35
C TRP B 301 -12.67 34.64 18.51
N ARG B 302 -13.16 33.56 19.14
CA ARG B 302 -13.51 32.33 18.43
C ARG B 302 -14.61 32.52 17.37
N ILE B 303 -15.50 33.51 17.54
CA ILE B 303 -16.64 33.77 16.63
C ILE B 303 -16.20 33.86 15.16
N LYS B 304 -15.12 34.60 14.88
CA LYS B 304 -14.54 34.80 13.54
C LYS B 304 -14.00 33.50 12.95
N LEU B 305 -13.55 32.57 13.81
CA LEU B 305 -13.02 31.27 13.39
C LEU B 305 -14.15 30.27 13.11
N ASP B 306 -15.33 30.50 13.74
CA ASP B 306 -16.54 29.68 13.59
C ASP B 306 -17.17 29.87 12.22
N ASP B 307 -16.62 30.76 11.39
CA ASP B 307 -17.04 31.05 10.02
C ASP B 307 -16.43 30.02 9.06
N TYR B 308 -15.36 29.32 9.50
CA TYR B 308 -14.65 28.29 8.72
C TYR B 308 -15.53 27.09 8.48
N SER B 309 -15.77 26.80 7.18
CA SER B 309 -16.56 25.69 6.65
C SER B 309 -16.51 24.44 7.55
N THR B 310 -17.52 24.34 8.44
CA THR B 310 -17.73 23.24 9.37
C THR B 310 -18.06 21.93 8.61
N GLN B 311 -18.25 22.05 7.27
CA GLN B 311 -18.54 20.97 6.34
C GLN B 311 -17.46 19.91 6.41
N GLU B 312 -17.91 18.64 6.43
CA GLU B 312 -17.07 17.45 6.50
C GLU B 312 -16.35 17.25 5.18
N LEU B 313 -15.02 17.10 5.21
CA LEU B 313 -14.27 16.85 3.98
C LEU B 313 -14.42 15.37 3.60
N GLY B 314 -14.41 14.52 4.63
CA GLY B 314 -14.53 13.07 4.55
C GLY B 314 -14.35 12.46 5.93
N LYS B 315 -14.15 11.14 5.99
CA LYS B 315 -14.01 10.45 7.26
C LYS B 315 -12.73 9.65 7.39
N THR B 316 -12.21 9.56 8.62
CA THR B 316 -11.11 8.67 8.94
C THR B 316 -11.61 7.61 9.90
N ILE B 317 -11.20 6.37 9.70
CA ILE B 317 -11.59 5.28 10.59
C ILE B 317 -10.39 4.85 11.43
N VAL B 318 -9.28 5.58 11.27
CA VAL B 318 -8.04 5.34 12.00
C VAL B 318 -7.58 6.68 12.61
N TYR B 319 -6.77 6.61 13.67
CA TYR B 319 -6.17 7.82 14.26
C TYR B 319 -5.16 8.29 13.23
N LEU B 320 -5.21 9.58 12.86
CA LEU B 320 -4.23 10.09 11.89
C LEU B 320 -3.08 10.61 12.71
N ASP B 321 -2.05 9.76 12.87
CA ASP B 321 -0.89 10.08 13.68
C ASP B 321 0.06 11.05 13.00
N GLY B 322 -0.17 12.33 13.25
CA GLY B 322 0.66 13.41 12.75
C GLY B 322 1.42 14.04 13.90
N SER B 323 1.65 13.29 15.00
CA SER B 323 2.38 13.83 16.16
C SER B 323 3.86 13.90 15.78
N SER B 324 4.59 14.85 16.35
CA SER B 324 6.02 15.04 16.11
C SER B 324 6.82 13.87 16.64
N GLN B 325 6.44 13.32 17.80
CA GLN B 325 7.05 12.16 18.45
C GLN B 325 7.08 10.95 17.51
N SER B 326 6.09 10.87 16.62
CA SER B 326 6.06 9.80 15.62
C SER B 326 6.80 10.24 14.35
N CYS B 327 6.25 11.26 13.66
CA CYS B 327 6.66 11.71 12.33
C CYS B 327 8.09 12.23 12.23
N ARG B 328 8.75 12.51 13.36
CA ARG B 328 10.15 12.96 13.30
C ARG B 328 11.07 11.82 13.73
N PHE B 329 10.48 10.67 14.09
CA PHE B 329 11.26 9.52 14.58
C PHE B 329 11.09 8.26 13.81
N ARG B 330 9.93 8.06 13.16
CA ARG B 330 9.61 6.83 12.45
C ARG B 330 8.49 7.04 11.45
N GLU B 331 8.16 5.96 10.68
CA GLU B 331 7.05 5.96 9.71
C GLU B 331 5.76 6.35 10.48
N CYS B 332 5.03 7.36 10.01
CA CYS B 332 3.78 7.71 10.66
C CYS B 332 2.69 7.69 9.60
N ASN B 333 1.50 7.18 9.94
CA ASN B 333 0.42 7.00 8.96
C ASN B 333 -0.11 8.32 8.39
N MET B 334 0.00 9.45 9.12
CA MET B 334 -0.37 10.76 8.56
C MET B 334 0.64 11.11 7.42
N GLY B 335 1.92 10.76 7.57
CA GLY B 335 2.94 11.00 6.55
C GLY B 335 2.66 10.22 5.29
N ASN B 336 2.26 8.94 5.44
CA ASN B 336 1.87 8.05 4.35
C ASN B 336 0.63 8.57 3.67
N LEU B 337 -0.35 9.10 4.42
CA LEU B 337 -1.56 9.69 3.86
C LEU B 337 -1.24 10.87 2.95
N ILE B 338 -0.39 11.79 3.42
CA ILE B 338 -0.03 13.00 2.66
C ILE B 338 0.78 12.62 1.44
N CYS B 339 1.77 11.71 1.59
CA CYS B 339 2.54 11.26 0.44
C CYS B 339 1.69 10.54 -0.60
N ASP B 340 0.67 9.79 -0.18
CA ASP B 340 -0.20 9.10 -1.14
C ASP B 340 -1.17 10.10 -1.78
N ALA B 341 -1.61 11.11 -1.01
CA ALA B 341 -2.48 12.18 -1.51
C ALA B 341 -1.72 12.96 -2.59
N MET B 342 -0.40 13.29 -2.34
CA MET B 342 0.51 13.99 -3.25
C MET B 342 0.64 13.21 -4.54
N ILE B 343 1.05 11.91 -4.45
CA ILE B 343 1.20 11.04 -5.63
C ILE B 343 -0.12 10.97 -6.41
N ASN B 344 -1.25 10.77 -5.70
CA ASN B 344 -2.58 10.60 -6.29
C ASN B 344 -3.06 11.80 -7.05
N ASN B 345 -3.04 12.96 -6.42
CA ASN B 345 -3.49 14.22 -7.02
C ASN B 345 -2.74 14.49 -8.29
N ASN B 346 -1.41 14.26 -8.28
CA ASN B 346 -0.54 14.48 -9.44
C ASN B 346 -0.93 13.60 -10.61
N LEU B 347 -1.24 12.29 -10.37
CA LEU B 347 -1.66 11.35 -11.45
C LEU B 347 -3.05 11.69 -12.00
N ARG B 348 -3.91 12.26 -11.13
CA ARG B 348 -5.28 12.67 -11.45
C ARG B 348 -5.31 14.13 -11.88
N VAL B 358 4.67 9.57 -11.88
CA VAL B 358 5.56 9.71 -10.71
C VAL B 358 4.94 8.97 -9.56
N SER B 359 5.72 8.07 -8.97
CA SER B 359 5.22 7.25 -7.87
C SER B 359 6.07 7.34 -6.60
N MET B 360 7.00 8.31 -6.55
CA MET B 360 7.86 8.50 -5.40
C MET B 360 7.60 9.84 -4.75
N CYS B 361 7.58 9.84 -3.40
CA CYS B 361 7.30 11.00 -2.59
C CYS B 361 8.20 11.04 -1.38
N ILE B 362 8.66 12.26 -1.01
CA ILE B 362 9.41 12.52 0.23
C ILE B 362 8.74 13.71 0.96
N LEU B 363 8.56 13.59 2.28
CA LEU B 363 7.89 14.62 3.06
C LEU B 363 8.50 14.74 4.44
N ASN B 364 9.11 15.90 4.72
CA ASN B 364 9.76 16.20 6.01
C ASN B 364 8.77 16.21 7.19
N GLY B 365 9.12 15.52 8.28
CA GLY B 365 8.33 15.46 9.51
C GLY B 365 8.04 16.85 10.06
N GLY B 366 8.96 17.78 9.86
CA GLY B 366 8.84 19.17 10.30
C GLY B 366 7.67 19.92 9.68
N GLY B 367 7.18 19.42 8.59
CA GLY B 367 6.04 20.04 7.94
C GLY B 367 4.72 19.39 8.24
N ILE B 368 4.68 18.40 9.17
CA ILE B 368 3.48 17.66 9.63
C ILE B 368 3.31 18.17 11.03
N ARG B 369 2.29 19.01 11.22
CA ARG B 369 2.19 19.80 12.41
C ARG B 369 1.20 19.34 13.49
N SER B 370 0.37 18.28 13.23
CA SER B 370 -0.64 17.85 14.19
C SER B 370 -1.27 16.52 13.80
N PRO B 371 -1.75 15.72 14.78
CA PRO B 371 -2.53 14.51 14.41
C PRO B 371 -3.99 14.91 14.19
N ILE B 372 -4.84 13.98 13.79
CA ILE B 372 -6.28 14.18 13.66
C ILE B 372 -6.92 12.96 14.32
N ASP B 373 -7.81 13.20 15.25
CA ASP B 373 -8.52 12.16 16.00
C ASP B 373 -9.72 11.60 15.21
N GLU B 374 -9.91 10.25 15.25
CA GLU B 374 -10.98 9.50 14.56
C GLU B 374 -12.28 9.28 15.35
N ARG B 375 -12.28 9.55 16.67
CA ARG B 375 -13.44 9.26 17.55
C ARG B 375 -14.68 10.19 17.37
N ASN B 376 -14.55 11.35 16.67
CA ASN B 376 -15.68 12.28 16.44
C ASN B 376 -16.54 11.83 15.23
N ASP B 377 -16.93 10.53 15.19
CA ASP B 377 -17.63 9.89 14.06
C ASP B 377 -16.73 9.93 12.78
N GLY B 378 -15.42 10.13 13.01
CA GLY B 378 -14.37 10.18 11.99
C GLY B 378 -14.23 11.46 11.19
N THR B 379 -15.04 12.48 11.50
CA THR B 379 -15.11 13.76 10.79
C THR B 379 -13.79 14.51 10.72
N ILE B 380 -13.42 14.90 9.48
CA ILE B 380 -12.24 15.71 9.14
C ILE B 380 -12.83 16.96 8.54
N THR B 381 -12.45 18.12 9.09
CA THR B 381 -12.89 19.45 8.66
C THR B 381 -11.67 20.20 8.20
N TRP B 382 -11.88 21.38 7.61
CA TRP B 382 -10.79 22.25 7.18
C TRP B 382 -9.96 22.69 8.39
N GLU B 383 -10.61 22.92 9.55
CA GLU B 383 -9.91 23.30 10.78
C GLU B 383 -8.92 22.22 11.26
N ASN B 384 -9.32 20.91 11.21
CA ASN B 384 -8.48 19.78 11.61
C ASN B 384 -7.25 19.71 10.72
N LEU B 385 -7.45 19.87 9.41
CA LEU B 385 -6.44 19.78 8.37
C LEU B 385 -5.48 20.98 8.35
N ALA B 386 -6.01 22.20 8.58
CA ALA B 386 -5.23 23.42 8.64
C ALA B 386 -4.19 23.36 9.76
N ALA B 387 -4.47 22.57 10.85
CA ALA B 387 -3.52 22.40 11.94
C ALA B 387 -2.37 21.45 11.52
N VAL B 388 -2.63 20.56 10.57
CA VAL B 388 -1.66 19.60 10.02
C VAL B 388 -0.74 20.26 9.04
N LEU B 389 -1.32 21.01 8.09
CA LEU B 389 -0.59 21.69 7.00
C LEU B 389 -0.91 23.19 6.99
N PRO B 390 -0.24 24.00 7.86
CA PRO B 390 -0.58 25.44 7.94
C PRO B 390 0.20 26.43 7.06
N PHE B 391 1.27 25.97 6.43
CA PHE B 391 2.23 26.87 5.77
C PHE B 391 1.87 27.46 4.42
N GLY B 392 0.80 27.01 3.79
CA GLY B 392 0.38 27.53 2.48
C GLY B 392 1.37 27.28 1.33
N GLY B 393 2.06 26.14 1.38
CA GLY B 393 3.04 25.78 0.39
C GLY B 393 2.44 24.93 -0.72
N THR B 394 3.29 24.40 -1.59
CA THR B 394 2.82 23.58 -2.69
C THR B 394 3.58 22.26 -2.70
N PHE B 395 3.01 21.26 -3.40
CA PHE B 395 3.63 19.96 -3.60
C PHE B 395 4.15 19.96 -5.03
N ASP B 396 5.49 20.03 -5.19
CA ASP B 396 6.17 20.19 -6.49
C ASP B 396 6.82 18.97 -7.05
N LEU B 397 7.04 18.97 -8.38
CA LEU B 397 7.68 17.89 -9.09
C LEU B 397 9.13 18.21 -9.31
N VAL B 398 9.97 17.23 -9.01
CA VAL B 398 11.40 17.33 -9.10
C VAL B 398 12.04 16.08 -9.78
N GLN B 399 13.10 16.32 -10.56
CA GLN B 399 13.86 15.26 -11.17
C GLN B 399 15.18 15.21 -10.42
N LEU B 400 15.48 14.06 -9.77
CA LEU B 400 16.68 13.88 -8.96
C LEU B 400 17.50 12.66 -9.31
N LYS B 401 18.83 12.80 -9.22
CA LYS B 401 19.79 11.72 -9.40
C LYS B 401 19.61 10.81 -8.20
N GLY B 402 19.92 9.53 -8.34
CA GLY B 402 19.83 8.58 -7.24
C GLY B 402 20.71 8.98 -6.09
N SER B 403 21.91 9.50 -6.41
CA SER B 403 22.93 10.01 -5.49
C SER B 403 22.43 11.18 -4.69
N THR B 404 21.61 12.07 -5.29
CA THR B 404 21.02 13.20 -4.60
C THR B 404 20.03 12.67 -3.55
N LEU B 405 19.23 11.65 -3.93
CA LEU B 405 18.23 11.04 -3.05
C LEU B 405 18.84 10.29 -1.92
N LYS B 406 19.95 9.57 -2.19
CA LYS B 406 20.67 8.85 -1.14
C LYS B 406 21.17 9.89 -0.09
N LYS B 407 21.73 11.04 -0.55
CA LYS B 407 22.21 12.16 0.29
C LYS B 407 21.10 12.80 1.12
N ALA B 408 19.87 12.91 0.54
CA ALA B 408 18.70 13.45 1.23
C ALA B 408 18.33 12.51 2.37
N PHE B 409 18.31 11.18 2.10
CA PHE B 409 18.00 10.17 3.13
C PHE B 409 19.06 10.12 4.21
N GLU B 410 20.33 10.37 3.86
CA GLU B 410 21.40 10.41 4.87
C GLU B 410 21.19 11.62 5.78
N HIS B 411 20.75 12.74 5.20
CA HIS B 411 20.47 14.00 5.88
C HIS B 411 19.27 13.84 6.81
N SER B 412 18.27 13.07 6.39
CA SER B 412 17.04 12.76 7.13
C SER B 412 17.31 12.21 8.56
N VAL B 413 18.47 11.59 8.78
CA VAL B 413 18.85 10.93 10.05
C VAL B 413 20.27 11.31 10.50
N HIS B 414 20.84 12.39 9.94
CA HIS B 414 22.22 12.77 10.26
C HIS B 414 22.42 13.09 11.74
N ARG B 415 21.39 13.58 12.42
CA ARG B 415 21.46 13.92 13.85
C ARG B 415 20.19 13.39 14.51
N TYR B 416 19.85 12.14 14.17
CA TYR B 416 18.64 11.48 14.65
C TYR B 416 18.59 11.46 16.17
N GLY B 417 17.42 11.77 16.71
CA GLY B 417 17.20 11.73 18.14
C GLY B 417 17.00 13.07 18.82
N GLN B 418 17.02 14.18 18.05
CA GLN B 418 16.86 15.52 18.60
C GLN B 418 15.50 16.11 18.29
N SER B 419 14.60 15.32 17.67
CA SER B 419 13.25 15.74 17.31
C SER B 419 13.31 16.92 16.33
N THR B 420 14.28 16.85 15.38
CA THR B 420 14.44 17.84 14.32
C THR B 420 13.56 17.47 13.15
N GLY B 421 13.27 18.46 12.30
CA GLY B 421 12.29 18.29 11.23
C GLY B 421 12.64 17.58 9.94
N GLU B 422 13.94 17.30 9.71
CA GLU B 422 14.39 16.69 8.46
C GLU B 422 14.04 15.22 8.30
N PHE B 423 13.54 14.52 9.34
CA PHE B 423 13.18 13.10 9.16
C PHE B 423 12.14 12.98 8.03
N LEU B 424 12.38 12.07 7.06
CA LEU B 424 11.48 11.97 5.91
C LEU B 424 10.44 10.92 5.99
N GLN B 425 9.20 11.33 5.72
CA GLN B 425 8.06 10.43 5.47
C GLN B 425 8.10 10.13 3.97
N VAL B 426 7.61 8.93 3.54
CA VAL B 426 7.76 8.53 2.14
C VAL B 426 6.52 7.88 1.49
N GLY B 427 6.59 7.86 0.18
CA GLY B 427 5.67 7.17 -0.76
C GLY B 427 6.52 6.61 -1.90
N GLY B 428 6.23 5.37 -2.31
CA GLY B 428 6.95 4.67 -3.35
C GLY B 428 8.41 4.37 -3.07
N ILE B 429 8.78 4.34 -1.78
CA ILE B 429 10.14 4.13 -1.30
C ILE B 429 10.10 3.24 -0.06
N HIS B 430 11.09 2.32 0.08
CA HIS B 430 11.31 1.43 1.20
C HIS B 430 12.73 1.66 1.65
N VAL B 431 12.93 2.34 2.77
CA VAL B 431 14.26 2.69 3.27
C VAL B 431 14.53 2.02 4.61
N VAL B 432 15.77 1.51 4.80
CA VAL B 432 16.19 0.88 6.05
C VAL B 432 17.41 1.65 6.54
N TYR B 433 17.38 2.03 7.82
CA TYR B 433 18.44 2.77 8.47
C TYR B 433 19.13 1.92 9.53
N ASP B 434 20.46 2.07 9.66
CA ASP B 434 21.22 1.46 10.77
C ASP B 434 21.86 2.64 11.50
N LEU B 435 21.21 3.10 12.55
CA LEU B 435 21.58 4.26 13.37
C LEU B 435 22.91 4.12 14.13
N SER B 436 23.38 2.88 14.33
CA SER B 436 24.66 2.59 14.97
C SER B 436 25.83 3.07 14.10
N ARG B 437 25.59 3.24 12.79
CA ARG B 437 26.59 3.67 11.82
C ARG B 437 26.84 5.18 11.89
N LYS B 438 27.99 5.63 11.39
CA LYS B 438 28.42 7.02 11.38
C LYS B 438 27.43 7.89 10.60
N PRO B 439 27.14 9.14 11.01
CA PRO B 439 26.23 9.99 10.21
C PRO B 439 26.76 10.16 8.79
N GLY B 440 25.87 10.09 7.81
CA GLY B 440 26.25 10.14 6.40
C GLY B 440 26.42 8.75 5.80
N ASP B 441 26.29 7.70 6.64
CA ASP B 441 26.42 6.29 6.22
C ASP B 441 25.43 5.38 6.98
N ARG B 442 24.21 5.90 7.25
CA ARG B 442 23.15 5.20 7.98
C ARG B 442 22.15 4.50 7.07
N VAL B 443 22.04 4.90 5.78
CA VAL B 443 21.09 4.27 4.84
C VAL B 443 21.69 2.93 4.42
N VAL B 444 21.14 1.82 4.95
CA VAL B 444 21.67 0.47 4.65
C VAL B 444 20.89 -0.24 3.52
N LYS B 445 19.68 0.24 3.21
CA LYS B 445 18.86 -0.30 2.11
C LYS B 445 17.93 0.81 1.62
N LEU B 446 17.75 0.92 0.31
CA LEU B 446 16.90 1.93 -0.29
C LEU B 446 16.39 1.38 -1.62
N ASP B 447 15.10 1.00 -1.63
CA ASP B 447 14.42 0.46 -2.79
C ASP B 447 13.36 1.45 -3.20
N VAL B 448 13.20 1.65 -4.50
CA VAL B 448 12.23 2.60 -5.04
C VAL B 448 11.35 1.94 -6.09
N LEU B 449 10.15 2.48 -6.29
CA LEU B 449 9.19 2.00 -7.27
C LEU B 449 9.73 2.31 -8.68
N CYS B 450 9.88 1.28 -9.54
CA CYS B 450 10.37 1.48 -10.91
C CYS B 450 9.38 2.28 -11.72
N THR B 451 9.87 2.96 -12.76
CA THR B 451 9.03 3.75 -13.67
C THR B 451 9.12 3.22 -15.07
N LYS B 452 10.32 2.74 -15.48
CA LYS B 452 10.59 2.17 -16.83
C LYS B 452 10.16 0.70 -16.83
N CYS B 453 9.02 0.42 -16.24
CA CYS B 453 8.44 -0.91 -16.08
C CYS B 453 6.95 -0.81 -16.33
N ARG B 454 6.38 -1.89 -16.80
CA ARG B 454 4.94 -1.98 -17.06
C ARG B 454 4.23 -2.31 -15.77
N VAL B 455 4.87 -3.15 -14.93
CA VAL B 455 4.38 -3.50 -13.59
C VAL B 455 5.30 -2.86 -12.56
N PRO B 456 4.80 -1.91 -11.74
CA PRO B 456 5.65 -1.30 -10.69
C PRO B 456 6.04 -2.29 -9.60
N SER B 457 7.33 -2.25 -9.20
CA SER B 457 7.89 -3.08 -8.14
C SER B 457 9.10 -2.37 -7.54
N TYR B 458 9.47 -2.74 -6.31
CA TYR B 458 10.57 -2.11 -5.58
C TYR B 458 11.92 -2.69 -5.99
N ASP B 459 12.75 -1.83 -6.56
CA ASP B 459 14.08 -2.18 -7.03
C ASP B 459 15.10 -1.30 -6.32
N PRO B 460 16.33 -1.80 -6.06
CA PRO B 460 17.34 -0.95 -5.40
C PRO B 460 17.61 0.34 -6.13
N LEU B 461 17.70 1.43 -5.37
CA LEU B 461 18.03 2.74 -5.93
C LEU B 461 19.42 2.62 -6.58
N LYS B 462 19.65 3.34 -7.67
CA LYS B 462 20.94 3.37 -8.32
C LYS B 462 21.44 4.80 -8.26
N MET B 463 22.68 5.01 -7.80
CA MET B 463 23.27 6.33 -7.65
C MET B 463 23.28 7.15 -8.95
N ASP B 464 23.59 6.49 -10.08
CA ASP B 464 23.68 7.11 -11.40
C ASP B 464 22.34 7.17 -12.17
N GLU B 465 21.23 6.69 -11.55
CA GLU B 465 19.89 6.72 -12.13
C GLU B 465 19.17 8.04 -11.84
N VAL B 466 18.11 8.36 -12.58
CA VAL B 466 17.35 9.61 -12.40
C VAL B 466 15.90 9.26 -12.08
N TYR B 467 15.38 9.83 -10.99
CA TYR B 467 14.04 9.60 -10.44
C TYR B 467 13.20 10.86 -10.39
N LYS B 468 11.89 10.70 -10.52
CA LYS B 468 10.94 11.82 -10.46
C LYS B 468 10.25 11.72 -9.14
N VAL B 469 10.38 12.78 -8.32
CA VAL B 469 9.85 12.81 -6.97
C VAL B 469 8.92 14.00 -6.74
N ILE B 470 7.85 13.79 -5.99
CA ILE B 470 6.92 14.83 -5.54
C ILE B 470 7.25 15.11 -4.05
N LEU B 471 7.56 16.35 -3.76
CA LEU B 471 7.97 16.79 -2.44
C LEU B 471 7.45 18.18 -2.19
N PRO B 472 7.45 18.70 -0.95
CA PRO B 472 7.05 20.10 -0.77
C PRO B 472 8.05 21.05 -1.43
N ASN B 473 7.55 22.20 -1.88
CA ASN B 473 8.37 23.29 -2.45
C ASN B 473 9.44 23.71 -1.39
N PHE B 474 9.11 23.60 -0.10
CA PHE B 474 10.02 23.93 1.02
C PHE B 474 11.30 23.07 0.90
N LEU B 475 11.17 21.77 0.59
CA LEU B 475 12.35 20.91 0.39
C LEU B 475 13.06 21.19 -0.95
N ALA B 476 12.34 21.56 -2.02
CA ALA B 476 13.04 21.90 -3.28
C ALA B 476 13.85 23.17 -3.16
N ASN B 477 13.51 24.00 -2.16
CA ASN B 477 14.16 25.28 -1.88
C ASN B 477 15.17 25.24 -0.73
N GLY B 478 15.67 24.04 -0.36
CA GLY B 478 16.68 23.84 0.68
C GLY B 478 16.21 23.91 2.13
N GLY B 479 14.91 23.80 2.34
CA GLY B 479 14.28 23.82 3.66
C GLY B 479 14.66 22.60 4.47
N ASP B 480 14.83 22.78 5.80
CA ASP B 480 15.26 21.68 6.70
C ASP B 480 16.70 21.23 6.43
N GLY B 481 17.48 22.10 5.77
CA GLY B 481 18.88 21.84 5.45
C GLY B 481 19.13 20.93 4.27
N PHE B 482 18.07 20.65 3.48
CA PHE B 482 18.18 19.84 2.27
C PHE B 482 18.79 20.65 1.10
N GLN B 483 20.03 21.12 1.30
CA GLN B 483 20.78 21.90 0.32
C GLN B 483 21.06 21.12 -0.95
N MET B 484 21.30 19.79 -0.82
CA MET B 484 21.60 18.89 -1.96
C MET B 484 20.44 18.80 -2.96
N ILE B 485 19.18 18.97 -2.51
CA ILE B 485 18.01 18.93 -3.39
C ILE B 485 18.00 20.21 -4.23
N LYS B 486 18.11 21.37 -3.57
CA LYS B 486 18.16 22.67 -4.24
C LYS B 486 19.29 22.73 -5.26
N ASP B 487 20.54 22.42 -4.83
CA ASP B 487 21.72 22.51 -5.66
C ASP B 487 21.86 21.44 -6.73
N GLU B 488 21.29 20.24 -6.55
CA GLU B 488 21.50 19.18 -7.53
C GLU B 488 20.29 18.79 -8.35
N LEU B 489 19.08 19.33 -8.07
CA LEU B 489 17.90 18.94 -8.87
C LEU B 489 18.08 19.26 -10.35
N LEU B 490 17.47 18.47 -11.24
CA LEU B 490 17.61 18.67 -12.69
C LEU B 490 16.38 19.30 -13.32
N ARG B 491 15.27 19.30 -12.59
CA ARG B 491 13.99 19.86 -13.04
C ARG B 491 13.19 20.18 -11.80
N HIS B 492 12.43 21.27 -11.85
CA HIS B 492 11.55 21.69 -10.75
C HIS B 492 10.33 22.42 -11.29
N ASP B 493 9.22 21.71 -11.32
CA ASP B 493 7.93 22.24 -11.75
C ASP B 493 7.12 22.55 -10.49
N SER B 494 6.41 23.71 -10.49
CA SER B 494 5.61 24.15 -9.36
C SER B 494 4.33 23.35 -9.34
N GLY B 495 3.88 23.02 -8.14
CA GLY B 495 2.69 22.20 -7.97
C GLY B 495 1.50 22.90 -7.36
N ASP B 496 0.54 22.09 -6.94
CA ASP B 496 -0.72 22.45 -6.30
C ASP B 496 -0.53 22.68 -4.84
N GLN B 497 -1.42 23.53 -4.27
CA GLN B 497 -1.50 23.93 -2.86
C GLN B 497 -1.55 22.72 -1.95
N ASP B 498 -0.65 22.64 -0.98
CA ASP B 498 -0.55 21.48 -0.10
C ASP B 498 -1.88 21.00 0.53
N ILE B 499 -2.56 21.87 1.26
CA ILE B 499 -3.79 21.59 1.98
C ILE B 499 -4.92 21.20 1.01
N ASN B 500 -5.01 21.85 -0.17
CA ASN B 500 -6.07 21.52 -1.11
C ASN B 500 -5.86 20.13 -1.70
N VAL B 501 -4.57 19.76 -1.95
CA VAL B 501 -4.21 18.42 -2.44
C VAL B 501 -4.73 17.38 -1.46
N VAL B 502 -4.47 17.59 -0.17
CA VAL B 502 -4.88 16.64 0.86
C VAL B 502 -6.41 16.63 1.09
N SER B 503 -7.13 17.79 1.09
CA SER B 503 -8.60 17.79 1.28
C SER B 503 -9.35 17.12 0.13
N THR B 504 -8.95 17.42 -1.12
CA THR B 504 -9.55 16.85 -2.33
C THR B 504 -9.43 15.33 -2.30
N TYR B 505 -8.22 14.85 -1.96
CA TYR B 505 -7.96 13.43 -1.87
C TYR B 505 -8.87 12.81 -0.81
N ILE B 506 -9.02 13.47 0.35
CA ILE B 506 -9.91 12.98 1.39
C ILE B 506 -11.39 12.93 0.91
N SER B 507 -11.83 13.98 0.17
CA SER B 507 -13.19 14.06 -0.38
C SER B 507 -13.42 12.99 -1.45
N LYS B 508 -12.36 12.66 -2.21
CA LYS B 508 -12.39 11.63 -3.27
C LYS B 508 -12.48 10.23 -2.65
N MET B 509 -11.68 9.97 -1.62
CA MET B 509 -11.64 8.67 -0.96
C MET B 509 -12.88 8.40 -0.11
N LYS B 510 -13.49 9.48 0.44
CA LYS B 510 -14.65 9.50 1.34
C LYS B 510 -14.28 8.94 2.71
N VAL B 511 -13.76 7.70 2.75
CA VAL B 511 -13.31 7.02 3.97
C VAL B 511 -11.85 6.66 3.78
N ILE B 512 -11.00 7.18 4.66
CA ILE B 512 -9.56 6.94 4.64
C ILE B 512 -9.15 6.07 5.85
N TYR B 513 -8.07 5.33 5.70
CA TYR B 513 -7.52 4.41 6.68
C TYR B 513 -6.00 4.19 6.45
N PRO B 514 -5.13 5.25 6.46
CA PRO B 514 -3.69 4.99 6.25
C PRO B 514 -3.11 4.15 7.38
N ALA B 515 -2.11 3.33 7.01
CA ALA B 515 -1.45 2.41 7.91
C ALA B 515 0.07 2.63 7.93
N VAL B 516 0.73 2.12 8.97
CA VAL B 516 2.19 2.05 9.09
C VAL B 516 2.46 0.67 8.48
N GLU B 517 3.08 0.67 7.28
CA GLU B 517 3.28 -0.49 6.39
C GLU B 517 4.70 -1.07 6.26
N GLY B 518 5.69 -0.39 6.80
CA GLY B 518 7.07 -0.83 6.64
C GLY B 518 7.84 -0.08 5.57
N ARG B 519 7.35 1.12 5.20
CA ARG B 519 8.03 1.99 4.21
C ARG B 519 9.37 2.48 4.80
N ILE B 520 9.47 2.59 6.14
CA ILE B 520 10.65 3.04 6.89
C ILE B 520 10.97 2.01 7.97
N LYS B 521 12.20 1.48 7.94
CA LYS B 521 12.62 0.49 8.92
C LYS B 521 14.00 0.81 9.48
N PHE B 522 14.28 0.28 10.68
CA PHE B 522 15.55 0.46 11.36
C PHE B 522 16.20 -0.91 11.61
N SER B 523 17.55 -0.98 11.58
CA SER B 523 18.34 -2.18 11.78
C SER B 523 19.36 -1.96 12.89
#